data_8GJB
#
_entry.id   8GJB
#
_cell.length_a   47.274
_cell.length_b   82.733
_cell.length_c   84.384
_cell.angle_alpha   90.000
_cell.angle_beta   90.446
_cell.angle_gamma   90.000
#
_symmetry.space_group_name_H-M   'P 1 21 1'
#
loop_
_entity.id
_entity.type
_entity.pdbx_description
1 polymer 'L-threonine 3-dehydrogenase'
2 non-polymer NICOTINAMIDE-ADENINE-DINUCLEOTIDE
3 non-polymer 'ACETATE ION'
4 non-polymer 'POTASSIUM ION'
5 non-polymer GLYCEROL
6 non-polymer 2-[BIS-(2-HYDROXY-ETHYL)-AMINO]-2-HYDROXYMETHYL-PROPANE-1,3-DIOL
7 water water
#
_entity_poly.entity_id   1
_entity_poly.type   'polypeptide(L)'
_entity_poly.pdbx_seq_one_letter_code
;MGSSHHHHHHSSGLVPRGSHMASMTGGQQMGRGSMLRFSLPLFAAAVPRVLITGGLGQIGTDLTLALREKFGADSVLTSD
LVTPPEKHPLAGGKGYQHLNCMDRDAYEKLVKDFKPTWLFHLPAIMSVRGEAEPQLAMNLNINSTRHALDLARDYKMRCF
IPSTIAAFGDKCGKVNTKDDTILNPSTVYGVTKVFTEMIGTYYREKMGTDFRSVRFPGIISAATLPGGGATDYAIHMYHC
ALLGKKYVCPVRRDEPLPMLYMPDALGGVIKLMEASDSCLKRAVYNISGFSFTPEQLRASIEARMKRPLEVEYVEGPAQS
IAHSWPDSLDDSNARQDWGYETKYDVDKMTDDMLRQIPVLHGLPSL
;
_entity_poly.pdbx_strand_id   A,B
#
loop_
_chem_comp.id
_chem_comp.type
_chem_comp.name
_chem_comp.formula
ACT non-polymer 'ACETATE ION' 'C2 H3 O2 -1'
BTB non-polymer 2-[BIS-(2-HYDROXY-ETHYL)-AMINO]-2-HYDROXYMETHYL-PROPANE-1,3-DIOL 'C8 H19 N O5'
GOL non-polymer GLYCEROL 'C3 H8 O3'
K non-polymer 'POTASSIUM ION' 'K 1'
NAD non-polymer NICOTINAMIDE-ADENINE-DINUCLEOTIDE 'C21 H27 N7 O14 P2'
#
# COMPACT_ATOMS: atom_id res chain seq x y z
N VAL A 47 1.56 35.27 3.17
CA VAL A 47 2.51 34.11 3.20
C VAL A 47 1.86 32.99 4.01
N PRO A 48 2.26 31.72 3.77
CA PRO A 48 1.70 30.61 4.55
C PRO A 48 2.22 30.61 5.99
N ARG A 49 1.43 30.00 6.88
CA ARG A 49 1.89 29.54 8.17
C ARG A 49 2.23 28.06 8.05
N VAL A 50 3.50 27.73 8.34
CA VAL A 50 4.07 26.44 8.01
C VAL A 50 4.32 25.68 9.31
N LEU A 51 3.80 24.45 9.39
CA LEU A 51 4.27 23.53 10.43
C LEU A 51 5.01 22.38 9.73
N ILE A 52 6.20 22.09 10.25
CA ILE A 52 6.97 20.94 9.80
C ILE A 52 7.03 19.94 10.96
N THR A 53 6.78 18.66 10.68
CA THR A 53 6.95 17.65 11.72
C THR A 53 8.10 16.76 11.26
N GLY A 54 8.77 16.09 12.22
CA GLY A 54 10.00 15.37 11.93
C GLY A 54 11.04 16.32 11.36
N GLY A 55 11.00 17.56 11.87
CA GLY A 55 11.68 18.64 11.20
C GLY A 55 13.15 18.80 11.54
N LEU A 56 13.70 18.01 12.49
CA LEU A 56 15.11 18.13 12.85
C LEU A 56 16.02 17.28 11.96
N GLY A 57 15.46 16.45 11.07
CA GLY A 57 16.29 15.57 10.26
C GLY A 57 16.86 16.21 8.98
N GLN A 58 17.34 15.38 8.05
CA GLN A 58 18.10 15.87 6.89
C GLN A 58 17.28 16.88 6.07
N ILE A 59 16.03 16.53 5.75
CA ILE A 59 15.21 17.39 4.91
C ILE A 59 14.67 18.51 5.78
N GLY A 60 14.16 18.16 6.96
CA GLY A 60 13.47 19.16 7.76
C GLY A 60 14.36 20.35 8.10
N THR A 61 15.66 20.09 8.29
CA THR A 61 16.53 21.14 8.79
C THR A 61 16.68 22.19 7.69
N ASP A 62 17.12 21.74 6.50
CA ASP A 62 17.29 22.62 5.34
C ASP A 62 15.98 23.25 4.89
N LEU A 63 14.89 22.48 4.99
CA LEU A 63 13.62 23.05 4.60
C LEU A 63 13.19 24.15 5.58
N THR A 64 13.43 23.92 6.89
CA THR A 64 13.11 24.94 7.87
C THR A 64 13.83 26.26 7.52
N LEU A 65 15.13 26.14 7.22
CA LEU A 65 15.98 27.28 6.93
C LEU A 65 15.50 28.01 5.68
N ALA A 66 15.26 27.25 4.60
CA ALA A 66 14.80 27.82 3.34
C ALA A 66 13.45 28.53 3.54
N LEU A 67 12.51 27.94 4.29
CA LEU A 67 11.21 28.58 4.42
C LEU A 67 11.30 29.81 5.32
N ARG A 68 12.10 29.76 6.39
CA ARG A 68 12.27 30.95 7.19
C ARG A 68 12.81 32.10 6.33
N GLU A 69 13.82 31.81 5.50
CA GLU A 69 14.41 32.82 4.64
C GLU A 69 13.40 33.34 3.61
N LYS A 70 12.46 32.48 3.17
CA LYS A 70 11.54 32.88 2.13
C LYS A 70 10.30 33.54 2.74
N PHE A 71 9.81 33.07 3.87
CA PHE A 71 8.57 33.62 4.36
C PHE A 71 8.77 34.39 5.67
N GLY A 72 9.97 34.33 6.24
CA GLY A 72 10.20 34.93 7.55
C GLY A 72 10.10 33.89 8.68
N ALA A 73 10.93 34.10 9.72
CA ALA A 73 11.14 33.17 10.83
C ALA A 73 9.83 32.87 11.56
N ASP A 74 9.00 33.90 11.78
CA ASP A 74 7.81 33.80 12.61
C ASP A 74 6.72 32.96 11.93
N SER A 75 6.84 32.73 10.62
CA SER A 75 5.82 32.01 9.86
C SER A 75 6.07 30.49 9.83
N VAL A 76 7.17 30.01 10.43
CA VAL A 76 7.54 28.59 10.38
C VAL A 76 7.69 28.04 11.79
N LEU A 77 6.98 26.95 12.10
CA LEU A 77 7.20 26.25 13.36
C LEU A 77 7.74 24.87 12.99
N THR A 78 8.88 24.47 13.60
CA THR A 78 9.46 23.16 13.40
C THR A 78 9.19 22.30 14.62
N SER A 79 8.73 21.06 14.40
CA SER A 79 8.53 20.15 15.53
C SER A 79 9.26 18.84 15.27
N ASP A 80 9.58 18.12 16.35
CA ASP A 80 10.22 16.82 16.19
C ASP A 80 9.97 16.01 17.46
N LEU A 81 10.13 14.69 17.33
CA LEU A 81 10.11 13.77 18.46
C LEU A 81 11.17 14.16 19.50
N VAL A 82 12.35 14.58 19.01
CA VAL A 82 13.51 14.69 19.88
C VAL A 82 13.85 16.17 20.08
N THR A 83 14.58 16.47 21.16
CA THR A 83 15.15 17.80 21.40
C THR A 83 16.33 18.05 20.46
N PRO A 84 16.50 19.28 19.91
CA PRO A 84 17.62 19.57 19.01
C PRO A 84 18.92 19.33 19.79
N PRO A 85 19.92 18.58 19.24
CA PRO A 85 21.27 18.52 19.81
C PRO A 85 21.89 19.92 19.91
N GLU A 86 22.89 20.06 20.81
CA GLU A 86 23.57 21.33 21.06
C GLU A 86 24.02 21.99 19.75
N LYS A 87 24.73 21.24 18.91
CA LYS A 87 25.33 21.78 17.68
C LYS A 87 24.32 21.90 16.53
N HIS A 88 23.04 21.57 16.76
CA HIS A 88 22.08 21.52 15.66
C HIS A 88 21.76 22.93 15.14
N PRO A 89 21.75 23.16 13.81
CA PRO A 89 21.46 24.50 13.28
C PRO A 89 20.19 25.16 13.81
N LEU A 90 19.26 24.36 14.35
CA LEU A 90 18.00 24.93 14.80
C LEU A 90 17.93 24.95 16.32
N ALA A 91 19.04 24.59 16.99
CA ALA A 91 19.06 24.55 18.45
C ALA A 91 18.92 25.98 19.01
N GLY A 92 18.06 26.13 20.04
CA GLY A 92 17.94 27.35 20.82
C GLY A 92 17.10 28.41 20.11
N GLY A 93 16.83 28.20 18.82
CA GLY A 93 15.93 29.06 18.07
C GLY A 93 14.49 28.97 18.60
N LYS A 94 13.84 30.13 18.65
CA LYS A 94 12.40 30.18 18.81
C LYS A 94 11.77 29.42 17.65
N GLY A 95 10.51 28.98 17.81
CA GLY A 95 9.81 28.34 16.70
C GLY A 95 10.06 26.83 16.62
N TYR A 96 10.46 26.25 17.77
CA TYR A 96 10.62 24.80 17.93
C TYR A 96 9.68 24.31 19.03
N GLN A 97 9.01 23.17 18.79
CA GLN A 97 8.17 22.51 19.80
C GLN A 97 8.36 20.99 19.64
N HIS A 98 8.30 20.27 20.75
CA HIS A 98 8.36 18.82 20.66
C HIS A 98 7.01 18.35 20.16
N LEU A 99 7.02 17.28 19.34
CA LEU A 99 5.78 16.58 19.05
C LEU A 99 6.12 15.20 18.54
N ASN A 100 5.55 14.20 19.22
CA ASN A 100 5.48 12.83 18.77
C ASN A 100 4.24 12.67 17.90
N CYS A 101 4.46 12.46 16.58
CA CYS A 101 3.37 12.40 15.61
C CYS A 101 2.51 11.14 15.77
N MET A 102 2.96 10.18 16.60
CA MET A 102 2.13 9.02 16.93
C MET A 102 1.02 9.40 17.90
N ASP A 103 1.13 10.59 18.50
CA ASP A 103 0.16 10.98 19.50
C ASP A 103 -0.80 11.97 18.86
N ARG A 104 -1.97 11.43 18.47
CA ARG A 104 -2.95 12.14 17.67
C ARG A 104 -3.46 13.39 18.40
N ASP A 105 -3.77 13.28 19.69
CA ASP A 105 -4.22 14.43 20.46
C ASP A 105 -3.14 15.51 20.48
N ALA A 106 -1.87 15.10 20.67
CA ALA A 106 -0.78 16.08 20.75
C ALA A 106 -0.59 16.78 19.40
N TYR A 107 -0.72 16.02 18.29
CA TYR A 107 -0.62 16.56 16.94
C TYR A 107 -1.74 17.57 16.74
N GLU A 108 -2.98 17.20 17.10
CA GLU A 108 -4.12 18.09 16.92
C GLU A 108 -3.94 19.34 17.76
N LYS A 109 -3.48 19.16 19.00
CA LYS A 109 -3.29 20.29 19.89
C LYS A 109 -2.40 21.33 19.24
N LEU A 110 -1.23 20.90 18.71
CA LEU A 110 -0.23 21.81 18.13
C LEU A 110 -0.79 22.44 16.85
N VAL A 111 -1.55 21.64 16.08
CA VAL A 111 -2.20 22.17 14.89
C VAL A 111 -3.24 23.23 15.25
N LYS A 112 -4.01 23.02 16.33
CA LYS A 112 -5.01 24.03 16.68
C LYS A 112 -4.33 25.26 17.27
N ASP A 113 -3.25 25.06 18.04
CA ASP A 113 -2.52 26.17 18.63
C ASP A 113 -2.00 27.09 17.53
N PHE A 114 -1.26 26.51 16.57
CA PHE A 114 -0.45 27.30 15.64
C PHE A 114 -1.24 27.70 14.40
N LYS A 115 -2.30 26.96 14.07
CA LYS A 115 -3.11 27.25 12.90
C LYS A 115 -2.23 27.38 11.64
N PRO A 116 -1.51 26.29 11.26
CA PRO A 116 -0.71 26.32 10.03
C PRO A 116 -1.63 26.25 8.81
N THR A 117 -1.15 26.73 7.67
CA THR A 117 -1.88 26.59 6.42
C THR A 117 -1.19 25.52 5.56
N TRP A 118 0.12 25.35 5.76
CA TRP A 118 0.92 24.32 5.11
C TRP A 118 1.44 23.37 6.18
N LEU A 119 1.47 22.06 5.87
CA LEU A 119 2.01 21.03 6.77
C LEU A 119 2.97 20.18 5.95
N PHE A 120 4.20 20.04 6.46
CA PHE A 120 5.19 19.12 5.91
C PHE A 120 5.39 18.02 6.93
N HIS A 121 4.81 16.85 6.64
CA HIS A 121 4.90 15.72 7.55
C HIS A 121 6.07 14.83 7.13
N LEU A 122 7.23 14.99 7.76
CA LEU A 122 8.46 14.35 7.31
C LEU A 122 8.85 13.08 8.07
N PRO A 123 8.33 12.69 9.26
CA PRO A 123 8.94 11.57 9.96
C PRO A 123 8.67 10.24 9.25
N ALA A 124 9.69 9.41 9.08
CA ALA A 124 9.49 8.04 8.64
C ALA A 124 10.74 7.24 8.96
N ILE A 125 10.60 5.92 9.09
CA ILE A 125 11.74 5.02 9.18
C ILE A 125 12.01 4.59 7.76
N MET A 126 13.29 4.69 7.36
CA MET A 126 13.70 4.48 5.98
C MET A 126 14.21 3.05 5.78
N SER A 127 14.83 2.81 4.61
CA SER A 127 15.08 1.47 4.08
C SER A 127 15.82 0.61 5.11
N VAL A 128 17.04 1.02 5.44
CA VAL A 128 17.92 0.16 6.22
C VAL A 128 17.35 -0.04 7.62
N ARG A 129 16.98 1.07 8.28
CA ARG A 129 16.50 0.89 9.64
C ARG A 129 15.20 0.08 9.62
N GLY A 130 14.36 0.29 8.58
CA GLY A 130 13.07 -0.42 8.44
C GLY A 130 13.23 -1.94 8.35
N GLU A 131 14.28 -2.40 7.65
CA GLU A 131 14.54 -3.83 7.52
C GLU A 131 14.88 -4.40 8.90
N ALA A 132 15.52 -3.59 9.75
CA ALA A 132 15.89 -4.10 11.07
C ALA A 132 14.77 -3.91 12.09
N GLU A 133 13.92 -2.89 11.92
CA GLU A 133 12.85 -2.63 12.88
C GLU A 133 11.55 -2.47 12.09
N PRO A 134 11.07 -3.56 11.45
CA PRO A 134 9.88 -3.48 10.62
C PRO A 134 8.63 -3.02 11.34
N GLN A 135 8.49 -3.38 12.62
CA GLN A 135 7.32 -3.01 13.43
C GLN A 135 7.30 -1.49 13.62
N LEU A 136 8.45 -0.92 13.98
CA LEU A 136 8.55 0.51 14.18
C LEU A 136 8.25 1.23 12.84
N ALA A 137 8.79 0.70 11.76
CA ALA A 137 8.58 1.30 10.43
C ALA A 137 7.09 1.37 10.08
N MET A 138 6.40 0.24 10.26
CA MET A 138 4.97 0.22 10.03
C MET A 138 4.25 1.13 11.01
N ASN A 139 4.59 1.09 12.31
CA ASN A 139 3.85 1.96 13.23
C ASN A 139 3.93 3.43 12.84
N LEU A 140 5.16 3.94 12.63
CA LEU A 140 5.40 5.34 12.30
C LEU A 140 4.89 5.70 10.90
N ASN A 141 5.33 4.96 9.87
CA ASN A 141 5.07 5.31 8.48
C ASN A 141 3.58 5.22 8.15
N ILE A 142 2.88 4.23 8.75
CA ILE A 142 1.44 4.14 8.51
C ILE A 142 0.67 5.12 9.40
N ASN A 143 0.88 5.03 10.73
CA ASN A 143 -0.07 5.69 11.62
C ASN A 143 0.13 7.21 11.71
N SER A 144 1.38 7.67 11.71
CA SER A 144 1.61 9.12 11.73
C SER A 144 1.07 9.76 10.45
N THR A 145 1.23 9.03 9.32
CA THR A 145 0.68 9.44 8.04
C THR A 145 -0.83 9.65 8.14
N ARG A 146 -1.52 8.68 8.74
CA ARG A 146 -2.96 8.79 8.90
C ARG A 146 -3.30 10.05 9.71
N HIS A 147 -2.57 10.27 10.82
CA HIS A 147 -2.85 11.46 11.63
C HIS A 147 -2.67 12.75 10.84
N ALA A 148 -1.57 12.85 10.10
CA ALA A 148 -1.34 14.07 9.33
C ALA A 148 -2.51 14.32 8.38
N LEU A 149 -2.94 13.28 7.67
CA LEU A 149 -3.97 13.43 6.64
C LEU A 149 -5.29 13.87 7.29
N ASP A 150 -5.67 13.25 8.42
CA ASP A 150 -6.93 13.59 9.08
C ASP A 150 -6.93 15.03 9.55
N LEU A 151 -5.77 15.47 10.04
CA LEU A 151 -5.60 16.86 10.48
C LEU A 151 -5.59 17.85 9.31
N ALA A 152 -4.92 17.52 8.20
CA ALA A 152 -4.96 18.42 7.06
C ALA A 152 -6.41 18.54 6.56
N ARG A 153 -7.15 17.43 6.64
CA ARG A 153 -8.53 17.46 6.20
C ARG A 153 -9.34 18.46 7.02
N ASP A 154 -9.32 18.29 8.33
CA ASP A 154 -10.25 18.94 9.24
C ASP A 154 -9.86 20.40 9.50
N TYR A 155 -8.55 20.71 9.42
CA TYR A 155 -8.02 22.03 9.64
C TYR A 155 -7.64 22.70 8.31
N LYS A 156 -8.02 22.08 7.18
CA LYS A 156 -7.87 22.55 5.80
C LYS A 156 -6.45 23.02 5.51
N MET A 157 -5.49 22.12 5.66
CA MET A 157 -4.10 22.46 5.40
C MET A 157 -3.67 21.84 4.08
N ARG A 158 -2.72 22.51 3.41
CA ARG A 158 -2.02 21.94 2.27
C ARG A 158 -0.94 21.05 2.90
N CYS A 159 -0.92 19.77 2.50
CA CYS A 159 -0.23 18.75 3.28
C CYS A 159 0.73 18.00 2.36
N PHE A 160 2.03 18.17 2.62
CA PHE A 160 3.08 17.48 1.88
C PHE A 160 3.58 16.29 2.70
N ILE A 161 3.55 15.07 2.14
CA ILE A 161 4.14 13.90 2.78
C ILE A 161 4.97 13.24 1.70
N PRO A 162 6.31 13.20 1.84
CA PRO A 162 7.15 12.79 0.71
C PRO A 162 7.00 11.29 0.48
N SER A 163 7.04 10.89 -0.79
CA SER A 163 7.30 9.49 -1.06
C SER A 163 8.75 9.32 -1.49
N THR A 164 9.03 8.24 -2.25
CA THR A 164 10.41 7.84 -2.45
C THR A 164 10.50 6.88 -3.63
N ILE A 165 11.68 6.81 -4.25
CA ILE A 165 11.90 5.79 -5.27
C ILE A 165 11.83 4.39 -4.64
N ALA A 166 11.85 4.29 -3.29
CA ALA A 166 11.72 2.98 -2.67
C ALA A 166 10.31 2.44 -2.82
N ALA A 167 9.40 3.26 -3.34
CA ALA A 167 8.07 2.75 -3.63
C ALA A 167 8.16 1.70 -4.74
N PHE A 168 9.24 1.75 -5.52
CA PHE A 168 9.35 0.87 -6.69
C PHE A 168 10.11 -0.40 -6.33
N GLY A 169 9.85 -1.44 -7.12
CA GLY A 169 10.60 -2.67 -7.08
C GLY A 169 11.10 -3.06 -8.46
N ASP A 170 11.50 -4.32 -8.59
CA ASP A 170 12.20 -4.76 -9.79
C ASP A 170 11.29 -4.90 -11.00
N LYS A 171 9.95 -4.81 -10.86
CA LYS A 171 9.07 -4.82 -12.02
C LYS A 171 8.66 -3.43 -12.51
N CYS A 172 9.28 -2.36 -11.99
CA CYS A 172 8.82 -1.00 -12.29
C CYS A 172 9.12 -0.53 -13.72
N GLY A 173 10.10 -1.18 -14.36
CA GLY A 173 10.67 -0.71 -15.61
C GLY A 173 11.73 0.31 -15.19
N LYS A 174 12.95 -0.19 -15.01
CA LYS A 174 14.00 0.47 -14.24
C LYS A 174 14.62 1.66 -14.97
N VAL A 175 14.47 1.75 -16.30
CA VAL A 175 15.02 2.87 -17.04
C VAL A 175 13.91 3.86 -17.32
N ASN A 176 14.12 5.13 -16.92
CA ASN A 176 13.18 6.21 -17.15
C ASN A 176 11.81 5.83 -16.58
N THR A 177 11.83 5.38 -15.31
CA THR A 177 10.68 4.81 -14.63
C THR A 177 9.54 5.82 -14.64
N LYS A 178 8.36 5.39 -15.08
CA LYS A 178 7.22 6.27 -15.24
C LYS A 178 6.53 6.54 -13.89
N ASP A 179 5.65 7.55 -13.88
CA ASP A 179 4.87 7.85 -12.69
C ASP A 179 3.89 6.72 -12.38
N ASP A 180 3.25 6.19 -13.43
CA ASP A 180 2.25 5.14 -13.28
C ASP A 180 2.87 3.85 -13.77
N THR A 181 3.15 2.93 -12.85
CA THR A 181 3.74 1.66 -13.26
C THR A 181 3.39 0.59 -12.23
N ILE A 182 3.92 -0.61 -12.45
CA ILE A 182 3.81 -1.68 -11.47
C ILE A 182 4.64 -1.30 -10.25
N LEU A 183 4.07 -1.44 -9.04
CA LEU A 183 4.81 -1.20 -7.81
C LEU A 183 4.95 -2.51 -7.04
N ASN A 184 6.18 -2.96 -6.78
CA ASN A 184 6.38 -4.19 -6.02
C ASN A 184 7.55 -3.97 -5.07
N PRO A 185 7.51 -3.02 -4.11
CA PRO A 185 8.68 -2.69 -3.30
C PRO A 185 9.16 -3.92 -2.52
N SER A 186 10.49 -4.03 -2.35
CA SER A 186 11.11 -5.16 -1.69
C SER A 186 11.43 -4.84 -0.22
N THR A 187 11.18 -3.58 0.24
CA THR A 187 11.43 -3.18 1.62
C THR A 187 10.12 -2.87 2.31
N VAL A 188 10.08 -2.98 3.67
CA VAL A 188 8.90 -2.56 4.43
C VAL A 188 8.65 -1.05 4.32
N TYR A 189 9.73 -0.28 4.39
CA TYR A 189 9.71 1.13 4.04
C TYR A 189 8.95 1.38 2.73
N GLY A 190 9.36 0.71 1.65
CA GLY A 190 8.70 0.97 0.37
C GLY A 190 7.21 0.60 0.43
N VAL A 191 6.89 -0.52 1.09
CA VAL A 191 5.50 -0.90 1.28
C VAL A 191 4.74 0.23 1.97
N THR A 192 5.27 0.79 3.07
CA THR A 192 4.59 1.86 3.78
C THR A 192 4.44 3.13 2.95
N LYS A 193 5.40 3.36 2.04
CA LYS A 193 5.38 4.53 1.19
C LYS A 193 4.41 4.37 0.04
N VAL A 194 4.22 3.14 -0.47
CA VAL A 194 3.09 2.93 -1.39
C VAL A 194 1.78 3.24 -0.67
N PHE A 195 1.64 2.77 0.59
CA PHE A 195 0.44 3.10 1.36
C PHE A 195 0.24 4.61 1.42
N THR A 196 1.33 5.34 1.81
CA THR A 196 1.30 6.79 1.96
C THR A 196 0.73 7.42 0.68
N GLU A 197 1.30 7.05 -0.48
CA GLU A 197 0.86 7.58 -1.77
C GLU A 197 -0.63 7.31 -2.00
N MET A 198 -1.06 6.06 -1.78
CA MET A 198 -2.41 5.66 -2.12
C MET A 198 -3.46 6.31 -1.22
N ILE A 199 -3.19 6.39 0.09
CA ILE A 199 -4.13 6.97 1.04
C ILE A 199 -4.13 8.49 0.87
N GLY A 200 -2.95 9.08 0.63
CA GLY A 200 -2.88 10.51 0.36
C GLY A 200 -3.67 10.87 -0.90
N THR A 201 -3.51 10.05 -1.93
CA THR A 201 -4.24 10.27 -3.16
C THR A 201 -5.75 10.13 -2.92
N TYR A 202 -6.14 9.08 -2.17
CA TYR A 202 -7.54 8.94 -1.79
C TYR A 202 -8.09 10.17 -1.06
N TYR A 203 -7.33 10.71 -0.09
CA TYR A 203 -7.77 11.90 0.63
C TYR A 203 -7.93 13.08 -0.33
N ARG A 204 -7.05 13.17 -1.34
CA ARG A 204 -7.17 14.25 -2.32
C ARG A 204 -8.45 14.05 -3.15
N GLU A 205 -8.76 12.81 -3.52
CA GLU A 205 -9.84 12.61 -4.48
C GLU A 205 -11.19 12.58 -3.78
N LYS A 206 -11.25 12.14 -2.52
CA LYS A 206 -12.53 11.77 -1.92
C LYS A 206 -12.77 12.43 -0.58
N MET A 207 -11.73 12.98 0.07
CA MET A 207 -11.87 13.56 1.41
C MET A 207 -11.59 15.06 1.37
N GLY A 208 -11.52 15.63 0.15
CA GLY A 208 -11.36 17.07 -0.04
C GLY A 208 -10.08 17.63 0.57
N THR A 209 -9.00 16.84 0.58
CA THR A 209 -7.79 17.19 1.31
C THR A 209 -6.69 17.54 0.31
N ASP A 210 -6.02 18.65 0.52
CA ASP A 210 -5.03 19.14 -0.43
C ASP A 210 -3.67 18.49 -0.12
N PHE A 211 -3.52 17.18 -0.39
CA PHE A 211 -2.30 16.40 -0.18
C PHE A 211 -1.50 16.50 -1.48
N ARG A 212 -0.19 16.71 -1.35
CA ARG A 212 0.76 16.89 -2.45
C ARG A 212 2.01 16.10 -2.10
N SER A 213 2.65 15.43 -3.09
CA SER A 213 3.80 14.59 -2.75
C SER A 213 4.72 14.43 -3.96
N VAL A 214 6.00 14.13 -3.70
CA VAL A 214 6.95 13.74 -4.75
C VAL A 214 7.56 12.41 -4.30
N ARG A 215 8.00 11.65 -5.31
CA ARG A 215 8.89 10.53 -5.06
C ARG A 215 10.33 11.07 -5.10
N PHE A 216 10.91 11.26 -3.91
CA PHE A 216 12.30 11.71 -3.86
C PHE A 216 13.22 10.58 -4.28
N PRO A 217 14.24 10.87 -5.12
CA PRO A 217 15.43 10.02 -5.20
C PRO A 217 16.24 10.17 -3.91
N GLY A 218 17.42 9.56 -3.87
CA GLY A 218 18.25 9.76 -2.70
C GLY A 218 18.77 11.19 -2.71
N ILE A 219 18.69 11.87 -1.55
CA ILE A 219 18.97 13.30 -1.42
C ILE A 219 20.39 13.47 -0.89
N ILE A 220 21.21 14.24 -1.60
CA ILE A 220 22.59 14.53 -1.18
C ILE A 220 22.70 15.95 -0.61
N SER A 221 23.38 16.08 0.53
CA SER A 221 23.57 17.33 1.26
C SER A 221 24.96 17.34 1.92
N ALA A 222 25.62 18.50 1.89
CA ALA A 222 26.94 18.69 2.50
C ALA A 222 26.82 18.63 4.01
N ALA A 223 25.63 18.96 4.54
CA ALA A 223 25.42 18.95 5.99
C ALA A 223 25.44 17.54 6.59
N THR A 224 25.19 16.49 5.81
CA THR A 224 24.91 15.19 6.40
C THR A 224 26.21 14.49 6.76
N LEU A 225 26.29 13.90 7.97
CA LEU A 225 27.39 13.00 8.31
C LEU A 225 27.11 11.67 7.60
N PRO A 226 28.06 11.14 6.79
CA PRO A 226 27.88 9.81 6.19
C PRO A 226 27.58 8.72 7.23
N GLY A 227 26.55 7.88 7.00
CA GLY A 227 26.33 6.73 7.87
C GLY A 227 26.00 5.46 7.09
N GLY A 228 25.00 4.72 7.58
CA GLY A 228 24.66 3.41 7.04
C GLY A 228 23.47 3.38 6.07
N GLY A 229 22.96 4.56 5.72
CA GLY A 229 21.81 4.72 4.81
C GLY A 229 22.01 4.07 3.44
N ALA A 230 20.89 3.67 2.83
CA ALA A 230 20.93 3.02 1.51
C ALA A 230 21.75 3.79 0.48
N THR A 231 21.66 5.13 0.47
CA THR A 231 22.35 5.93 -0.56
C THR A 231 23.51 6.76 -0.02
N ASP A 232 23.99 6.43 1.18
CA ASP A 232 25.03 7.20 1.87
C ASP A 232 26.40 7.06 1.22
N TYR A 233 26.62 6.04 0.36
CA TYR A 233 27.94 5.86 -0.22
C TYR A 233 28.41 7.16 -0.88
N ALA A 234 27.48 7.94 -1.45
CA ALA A 234 27.93 9.12 -2.19
C ALA A 234 28.61 10.12 -1.25
N ILE A 235 27.97 10.41 -0.13
CA ILE A 235 28.55 11.34 0.82
C ILE A 235 29.86 10.77 1.38
N HIS A 236 29.90 9.46 1.60
CA HIS A 236 31.16 8.83 2.02
C HIS A 236 32.30 9.10 1.02
N MET A 237 32.01 8.91 -0.26
CA MET A 237 32.99 9.17 -1.31
C MET A 237 33.56 10.58 -1.21
N TYR A 238 32.71 11.60 -1.09
CA TYR A 238 33.19 12.98 -1.04
C TYR A 238 34.08 13.16 0.18
N HIS A 239 33.69 12.60 1.34
CA HIS A 239 34.49 12.77 2.55
C HIS A 239 35.84 12.06 2.42
N CYS A 240 35.82 10.82 1.91
CA CYS A 240 37.06 10.08 1.71
C CYS A 240 37.98 10.80 0.72
N ALA A 241 37.42 11.39 -0.34
CA ALA A 241 38.21 12.14 -1.31
C ALA A 241 38.98 13.25 -0.59
N LEU A 242 38.28 13.99 0.27
CA LEU A 242 38.88 15.14 0.93
C LEU A 242 39.94 14.69 1.94
N LEU A 243 39.72 13.54 2.60
CA LEU A 243 40.66 13.00 3.57
C LEU A 243 41.81 12.29 2.85
N GLY A 244 41.64 11.97 1.58
CA GLY A 244 42.62 11.16 0.88
C GLY A 244 42.63 9.74 1.45
N LYS A 245 41.47 9.21 1.83
CA LYS A 245 41.49 7.86 2.38
C LYS A 245 40.72 6.91 1.48
N LYS A 246 41.04 5.62 1.59
CA LYS A 246 40.41 4.58 0.79
C LYS A 246 38.95 4.47 1.25
N TYR A 247 38.05 4.17 0.31
CA TYR A 247 36.67 3.97 0.66
C TYR A 247 36.27 2.56 0.21
N VAL A 248 35.59 1.83 1.12
CA VAL A 248 34.94 0.57 0.75
C VAL A 248 33.45 0.81 0.52
N CYS A 249 33.05 0.66 -0.74
CA CYS A 249 31.72 0.98 -1.21
C CYS A 249 30.84 -0.26 -1.18
N PRO A 250 29.63 -0.20 -0.54
CA PRO A 250 28.73 -1.35 -0.46
C PRO A 250 27.75 -1.49 -1.62
N VAL A 251 27.70 -0.49 -2.53
CA VAL A 251 26.85 -0.56 -3.69
C VAL A 251 27.73 -1.03 -4.86
N ARG A 252 27.15 -1.88 -5.72
CA ARG A 252 27.87 -2.44 -6.87
C ARG A 252 28.38 -1.29 -7.76
N ARG A 253 29.55 -1.50 -8.39
CA ARG A 253 30.30 -0.44 -9.06
C ARG A 253 29.51 0.20 -10.20
N ASP A 254 28.62 -0.56 -10.85
CA ASP A 254 27.89 -0.08 -12.01
C ASP A 254 26.38 -0.09 -11.72
N GLU A 255 26.02 0.03 -10.43
CA GLU A 255 24.60 0.06 -10.09
C GLU A 255 24.11 1.50 -10.15
N PRO A 256 23.23 1.89 -11.11
CA PRO A 256 22.79 3.29 -11.22
C PRO A 256 21.62 3.56 -10.28
N LEU A 257 21.60 4.76 -9.71
CA LEU A 257 20.45 5.22 -8.93
C LEU A 257 20.08 6.63 -9.35
N PRO A 258 18.78 6.97 -9.28
CA PRO A 258 18.35 8.38 -9.36
C PRO A 258 18.75 9.03 -8.05
N MET A 259 19.42 10.19 -8.14
CA MET A 259 19.84 10.97 -6.99
C MET A 259 19.44 12.42 -7.25
N LEU A 260 19.54 13.25 -6.20
CA LEU A 260 19.08 14.63 -6.28
C LEU A 260 19.85 15.47 -5.26
N TYR A 261 20.38 16.64 -5.69
CA TYR A 261 21.10 17.50 -4.77
C TYR A 261 20.12 18.33 -3.94
N MET A 262 20.43 18.54 -2.65
CA MET A 262 19.48 19.14 -1.71
C MET A 262 18.84 20.43 -2.22
N PRO A 263 19.59 21.42 -2.79
CA PRO A 263 18.93 22.67 -3.23
C PRO A 263 17.82 22.45 -4.26
N ASP A 264 18.04 21.53 -5.20
CA ASP A 264 17.05 21.17 -6.21
C ASP A 264 15.85 20.45 -5.60
N ALA A 265 16.08 19.66 -4.55
CA ALA A 265 14.99 19.00 -3.88
C ALA A 265 14.08 20.02 -3.20
N LEU A 266 14.69 20.98 -2.48
CA LEU A 266 13.96 21.97 -1.71
C LEU A 266 13.23 22.92 -2.65
N GLY A 267 13.89 23.29 -3.75
CA GLY A 267 13.27 24.09 -4.81
C GLY A 267 12.01 23.42 -5.38
N GLY A 268 12.06 22.09 -5.55
CA GLY A 268 10.94 21.36 -6.13
C GLY A 268 9.75 21.26 -5.18
N VAL A 269 10.01 20.93 -3.90
CA VAL A 269 9.03 20.84 -2.83
C VAL A 269 8.30 22.19 -2.71
N ILE A 270 9.09 23.27 -2.72
CA ILE A 270 8.48 24.57 -2.46
C ILE A 270 7.63 24.97 -3.67
N LYS A 271 8.13 24.65 -4.87
CA LYS A 271 7.41 25.01 -6.08
C LYS A 271 6.09 24.21 -6.20
N LEU A 272 6.17 22.91 -5.89
CA LEU A 272 4.96 22.08 -5.80
C LEU A 272 3.97 22.66 -4.78
N MET A 273 4.45 23.06 -3.60
CA MET A 273 3.54 23.57 -2.58
C MET A 273 2.91 24.93 -2.93
N GLU A 274 3.50 25.63 -3.92
CA GLU A 274 3.04 26.94 -4.39
C GLU A 274 2.14 26.81 -5.61
N ALA A 275 2.11 25.63 -6.23
CA ALA A 275 1.39 25.43 -7.47
C ALA A 275 -0.13 25.57 -7.29
N SER A 276 -0.81 25.97 -8.38
CA SER A 276 -2.26 26.01 -8.40
C SER A 276 -2.83 24.60 -8.51
N ASP A 277 -3.90 24.31 -7.74
CA ASP A 277 -4.59 23.03 -7.77
C ASP A 277 -4.99 22.66 -9.19
N SER A 278 -5.33 23.67 -10.01
CA SER A 278 -5.76 23.49 -11.38
C SER A 278 -4.65 22.90 -12.24
N CYS A 279 -3.39 23.01 -11.82
CA CYS A 279 -2.32 22.54 -12.67
C CYS A 279 -1.96 21.10 -12.29
N LEU A 280 -2.41 20.67 -11.10
CA LEU A 280 -1.98 19.40 -10.54
C LEU A 280 -2.92 18.29 -11.00
N LYS A 281 -2.50 17.60 -12.06
CA LYS A 281 -3.26 16.51 -12.62
C LYS A 281 -3.09 15.25 -11.78
N ARG A 282 -2.10 15.27 -10.89
CA ARG A 282 -1.92 14.11 -10.02
C ARG A 282 -1.48 14.54 -8.63
N ALA A 283 -1.51 13.59 -7.69
CA ALA A 283 -1.19 13.88 -6.31
C ALA A 283 0.29 13.68 -6.02
N VAL A 284 0.90 12.67 -6.66
CA VAL A 284 2.26 12.23 -6.44
C VAL A 284 3.05 12.35 -7.74
N TYR A 285 4.20 13.03 -7.67
CA TYR A 285 5.05 13.13 -8.84
C TYR A 285 6.44 12.59 -8.59
N ASN A 286 6.96 11.83 -9.57
CA ASN A 286 8.40 11.60 -9.63
C ASN A 286 9.12 12.94 -9.86
N ILE A 287 10.24 13.13 -9.15
CA ILE A 287 11.11 14.25 -9.50
C ILE A 287 12.52 13.67 -9.53
N SER A 288 13.36 14.18 -10.43
CA SER A 288 14.69 13.61 -10.60
C SER A 288 15.75 14.71 -10.62
N GLY A 289 16.99 14.32 -10.34
CA GLY A 289 18.13 15.21 -10.48
C GLY A 289 18.99 14.67 -11.60
N PHE A 290 19.51 13.46 -11.40
CA PHE A 290 20.46 12.82 -12.28
C PHE A 290 20.53 11.37 -11.83
N SER A 291 21.12 10.55 -12.69
CA SER A 291 21.29 9.14 -12.36
C SER A 291 22.78 8.84 -12.50
N PHE A 292 23.40 8.17 -11.52
CA PHE A 292 24.80 7.79 -11.65
C PHE A 292 25.07 6.50 -10.89
N THR A 293 26.18 5.85 -11.24
CA THR A 293 26.71 4.66 -10.60
C THR A 293 27.84 5.10 -9.69
N PRO A 294 28.29 4.24 -8.74
CA PRO A 294 29.48 4.55 -7.95
C PRO A 294 30.70 4.94 -8.78
N GLU A 295 30.94 4.22 -9.89
CA GLU A 295 32.09 4.51 -10.75
C GLU A 295 32.01 5.89 -11.39
N GLN A 296 30.79 6.30 -11.78
CA GLN A 296 30.55 7.61 -12.37
C GLN A 296 30.82 8.72 -11.35
N LEU A 297 30.28 8.57 -10.13
CA LEU A 297 30.50 9.56 -9.10
C LEU A 297 32.00 9.66 -8.82
N ARG A 298 32.66 8.51 -8.70
CA ARG A 298 34.10 8.46 -8.50
C ARG A 298 34.81 9.27 -9.58
N ALA A 299 34.41 9.12 -10.86
CA ALA A 299 35.09 9.81 -11.96
C ALA A 299 34.92 11.33 -11.86
N SER A 300 33.72 11.78 -11.44
CA SER A 300 33.37 13.18 -11.27
C SER A 300 34.27 13.78 -10.18
N ILE A 301 34.46 13.02 -9.10
CA ILE A 301 35.27 13.48 -7.99
C ILE A 301 36.75 13.56 -8.40
N GLU A 302 37.22 12.55 -9.11
CA GLU A 302 38.63 12.52 -9.49
C GLU A 302 38.91 13.64 -10.47
N ALA A 303 37.98 13.89 -11.40
CA ALA A 303 38.12 14.97 -12.37
C ALA A 303 38.27 16.30 -11.64
N ARG A 304 37.43 16.53 -10.62
CA ARG A 304 37.43 17.81 -9.92
C ARG A 304 38.71 17.96 -9.10
N MET A 305 39.15 16.87 -8.47
CA MET A 305 40.29 16.97 -7.57
C MET A 305 41.62 16.79 -8.29
N LYS A 306 41.61 16.23 -9.51
CA LYS A 306 42.83 15.93 -10.27
C LYS A 306 43.75 14.96 -9.52
N ARG A 307 43.16 14.06 -8.74
CA ARG A 307 43.96 12.98 -8.16
C ARG A 307 43.04 11.77 -7.98
N PRO A 308 43.59 10.53 -7.91
CA PRO A 308 42.76 9.36 -7.70
C PRO A 308 42.03 9.26 -6.36
N LEU A 309 40.82 8.67 -6.43
CA LEU A 309 40.12 8.26 -5.24
C LEU A 309 40.16 6.74 -5.19
N GLU A 310 40.66 6.21 -4.08
CA GLU A 310 40.81 4.78 -3.96
C GLU A 310 39.52 4.16 -3.44
N VAL A 311 38.87 3.36 -4.30
CA VAL A 311 37.62 2.70 -3.93
C VAL A 311 37.77 1.20 -4.09
N GLU A 312 37.23 0.46 -3.13
CA GLU A 312 37.17 -0.99 -3.16
C GLU A 312 35.71 -1.39 -3.04
N TYR A 313 35.25 -2.32 -3.89
CA TYR A 313 33.85 -2.71 -3.93
C TYR A 313 33.63 -4.01 -3.18
N VAL A 314 33.05 -3.89 -1.96
CA VAL A 314 32.57 -5.01 -1.14
C VAL A 314 31.07 -4.85 -0.93
N GLU A 315 30.28 -5.74 -1.54
CA GLU A 315 28.83 -5.63 -1.44
C GLU A 315 28.36 -5.63 0.01
N GLY A 316 27.45 -4.68 0.30
CA GLY A 316 26.82 -4.52 1.60
C GLY A 316 25.30 -4.55 1.47
N PRO A 317 24.54 -4.46 2.59
CA PRO A 317 23.07 -4.54 2.54
C PRO A 317 22.43 -3.53 1.58
N ALA A 318 23.07 -2.38 1.40
CA ALA A 318 22.57 -1.35 0.48
C ALA A 318 22.39 -1.88 -0.95
N GLN A 319 23.26 -2.82 -1.40
CA GLN A 319 23.25 -3.25 -2.79
C GLN A 319 21.90 -3.90 -3.15
N SER A 320 21.44 -4.82 -2.28
CA SER A 320 20.21 -5.54 -2.60
C SER A 320 19.00 -4.59 -2.70
N ILE A 321 18.97 -3.61 -1.79
CA ILE A 321 18.00 -2.53 -1.80
C ILE A 321 18.15 -1.73 -3.10
N ALA A 322 19.38 -1.30 -3.44
CA ALA A 322 19.57 -0.42 -4.59
C ALA A 322 19.18 -1.13 -5.89
N HIS A 323 19.53 -2.42 -5.99
CA HIS A 323 19.24 -3.15 -7.22
C HIS A 323 17.73 -3.23 -7.48
N SER A 324 16.95 -3.14 -6.41
CA SER A 324 15.50 -3.29 -6.53
C SER A 324 14.83 -1.96 -6.90
N TRP A 325 15.61 -0.86 -6.92
CA TRP A 325 15.08 0.46 -7.22
C TRP A 325 15.31 0.83 -8.69
N PRO A 326 14.66 1.89 -9.23
CA PRO A 326 14.94 2.30 -10.62
C PRO A 326 16.40 2.68 -10.83
N ASP A 327 16.86 2.62 -12.09
CA ASP A 327 18.15 3.18 -12.49
C ASP A 327 17.99 4.67 -12.77
N SER A 328 16.83 5.04 -13.34
CA SER A 328 16.55 6.45 -13.65
C SER A 328 15.04 6.68 -13.64
N LEU A 329 14.65 7.95 -13.43
CA LEU A 329 13.24 8.31 -13.31
C LEU A 329 12.83 9.21 -14.45
N ASP A 330 11.60 9.00 -14.92
CA ASP A 330 10.91 9.92 -15.81
C ASP A 330 10.16 10.94 -14.97
N ASP A 331 10.55 12.21 -15.05
CA ASP A 331 9.84 13.23 -14.29
C ASP A 331 9.14 14.22 -15.23
N SER A 332 8.83 13.83 -16.46
CA SER A 332 8.17 14.76 -17.38
C SER A 332 6.86 15.33 -16.82
N ASN A 333 6.11 14.54 -16.03
CA ASN A 333 4.83 15.05 -15.54
C ASN A 333 5.00 16.23 -14.57
N ALA A 334 6.01 16.16 -13.68
CA ALA A 334 6.29 17.29 -12.79
C ALA A 334 6.77 18.51 -13.60
N ARG A 335 7.57 18.29 -14.64
CA ARG A 335 8.04 19.38 -15.49
C ARG A 335 6.86 20.09 -16.19
N GLN A 336 5.98 19.28 -16.78
CA GLN A 336 4.83 19.79 -17.52
C GLN A 336 3.80 20.44 -16.59
N ASP A 337 3.38 19.76 -15.51
CA ASP A 337 2.24 20.22 -14.74
C ASP A 337 2.55 21.48 -13.92
N TRP A 338 3.73 21.54 -13.30
CA TRP A 338 4.00 22.59 -12.33
C TRP A 338 5.39 23.20 -12.47
N GLY A 339 6.14 22.89 -13.54
CA GLY A 339 7.37 23.61 -13.85
C GLY A 339 8.56 23.19 -12.98
N TYR A 340 8.58 21.89 -12.57
CA TYR A 340 9.73 21.38 -11.85
C TYR A 340 10.96 21.58 -12.72
N GLU A 341 12.07 22.05 -12.14
CA GLU A 341 13.33 22.05 -12.88
C GLU A 341 14.49 21.85 -11.90
N THR A 342 15.71 21.65 -12.42
CA THR A 342 16.89 21.55 -11.57
C THR A 342 18.04 22.43 -12.09
N LYS A 343 18.93 22.77 -11.16
CA LYS A 343 20.02 23.71 -11.42
C LYS A 343 21.35 22.98 -11.39
N TYR A 344 21.40 21.80 -10.77
CA TYR A 344 22.66 21.10 -10.60
C TYR A 344 22.73 19.81 -11.43
N ASP A 345 23.81 19.67 -12.18
CA ASP A 345 24.25 18.42 -12.79
C ASP A 345 25.27 17.79 -11.83
N VAL A 346 25.81 16.61 -12.17
CA VAL A 346 26.65 15.89 -11.23
C VAL A 346 27.90 16.72 -10.93
N ASP A 347 28.54 17.27 -11.97
CA ASP A 347 29.81 17.93 -11.75
C ASP A 347 29.66 19.19 -10.91
N LYS A 348 28.53 19.89 -11.06
CA LYS A 348 28.28 21.09 -10.27
C LYS A 348 28.01 20.72 -8.83
N MET A 349 27.34 19.57 -8.61
CA MET A 349 27.13 19.11 -7.23
C MET A 349 28.47 18.73 -6.62
N THR A 350 29.29 18.03 -7.40
CA THR A 350 30.60 17.59 -6.95
C THR A 350 31.47 18.81 -6.55
N ASP A 351 31.48 19.86 -7.38
CA ASP A 351 32.25 21.06 -7.04
C ASP A 351 31.70 21.69 -5.75
N ASP A 352 30.36 21.85 -5.65
CA ASP A 352 29.77 22.40 -4.44
C ASP A 352 30.11 21.58 -3.18
N MET A 353 29.94 20.25 -3.26
CA MET A 353 30.16 19.40 -2.10
C MET A 353 31.61 19.51 -1.61
N LEU A 354 32.56 19.51 -2.56
CA LEU A 354 33.96 19.54 -2.20
C LEU A 354 34.36 20.90 -1.62
N ARG A 355 33.56 21.94 -1.87
CA ARG A 355 33.81 23.27 -1.28
C ARG A 355 33.11 23.39 0.07
N GLN A 356 31.93 22.78 0.21
CA GLN A 356 31.11 22.98 1.40
C GLN A 356 31.57 22.08 2.54
N ILE A 357 31.98 20.83 2.24
CA ILE A 357 32.27 19.87 3.29
C ILE A 357 33.38 20.37 4.22
N PRO A 358 34.54 20.87 3.70
CA PRO A 358 35.58 21.43 4.56
C PRO A 358 35.08 22.53 5.50
N VAL A 359 34.15 23.38 5.03
CA VAL A 359 33.63 24.48 5.81
C VAL A 359 32.69 23.96 6.89
N LEU A 360 31.83 22.98 6.54
CA LEU A 360 30.77 22.55 7.42
C LEU A 360 31.29 21.51 8.42
N HIS A 361 32.30 20.73 8.03
CA HIS A 361 32.72 19.61 8.86
C HIS A 361 34.16 19.77 9.33
N GLY A 362 34.94 20.67 8.71
CA GLY A 362 36.34 20.86 9.07
C GLY A 362 37.26 19.79 8.50
N LEU A 363 36.88 19.14 7.39
CA LEU A 363 37.77 18.24 6.66
C LEU A 363 38.79 19.09 5.90
N PRO A 364 39.92 18.53 5.36
CA PRO A 364 40.86 19.32 4.56
C PRO A 364 40.21 19.92 3.31
N SER A 365 40.50 21.19 3.00
CA SER A 365 39.88 21.81 1.84
C SER A 365 40.73 21.51 0.61
N LEU A 366 40.15 21.68 -0.58
CA LEU A 366 40.77 21.25 -1.82
C LEU A 366 42.12 21.95 -2.02
N ALA B 45 -2.54 -37.14 10.82
CA ALA B 45 -1.41 -36.23 11.20
C ALA B 45 -1.15 -35.22 10.10
N ALA B 46 -1.42 -35.61 8.84
CA ALA B 46 -1.22 -34.70 7.72
C ALA B 46 -2.45 -33.81 7.54
N VAL B 47 -3.45 -33.97 8.43
CA VAL B 47 -4.67 -33.22 8.22
C VAL B 47 -4.41 -31.84 8.78
N PRO B 48 -4.71 -30.76 8.03
CA PRO B 48 -4.49 -29.40 8.53
C PRO B 48 -5.38 -29.15 9.75
N ARG B 49 -4.86 -28.41 10.75
CA ARG B 49 -5.67 -27.85 11.82
C ARG B 49 -5.96 -26.41 11.41
N VAL B 50 -7.24 -26.08 11.23
CA VAL B 50 -7.57 -24.80 10.60
C VAL B 50 -8.22 -23.87 11.61
N LEU B 51 -7.74 -22.63 11.65
CA LEU B 51 -8.44 -21.55 12.33
C LEU B 51 -8.92 -20.55 11.28
N ILE B 52 -10.21 -20.24 11.34
CA ILE B 52 -10.80 -19.20 10.52
C ILE B 52 -11.17 -18.03 11.42
N THR B 53 -10.74 -16.81 11.04
CA THR B 53 -11.14 -15.60 11.73
C THR B 53 -12.09 -14.80 10.83
N GLY B 54 -12.98 -14.02 11.44
CA GLY B 54 -14.06 -13.39 10.69
C GLY B 54 -14.93 -14.44 9.99
N GLY B 55 -15.13 -15.59 10.65
CA GLY B 55 -15.66 -16.80 10.07
C GLY B 55 -17.19 -16.87 9.89
N LEU B 56 -17.94 -15.88 10.40
CA LEU B 56 -19.39 -16.00 10.37
C LEU B 56 -19.95 -15.29 9.14
N GLY B 57 -19.08 -14.68 8.35
CA GLY B 57 -19.57 -13.89 7.23
C GLY B 57 -19.81 -14.75 5.99
N GLN B 58 -19.97 -14.10 4.84
CA GLN B 58 -20.35 -14.81 3.63
C GLN B 58 -19.31 -15.88 3.28
N ILE B 59 -18.02 -15.53 3.25
CA ILE B 59 -17.00 -16.53 2.88
C ILE B 59 -16.76 -17.52 4.00
N GLY B 60 -16.62 -16.99 5.23
CA GLY B 60 -16.27 -17.85 6.36
C GLY B 60 -17.28 -18.98 6.58
N THR B 61 -18.58 -18.65 6.40
CA THR B 61 -19.64 -19.64 6.63
C THR B 61 -19.43 -20.84 5.72
N ASP B 62 -19.38 -20.59 4.40
CA ASP B 62 -19.19 -21.68 3.43
C ASP B 62 -17.80 -22.33 3.54
N LEU B 63 -16.75 -21.55 3.82
CA LEU B 63 -15.42 -22.12 3.98
C LEU B 63 -15.39 -23.10 5.16
N THR B 64 -16.03 -22.74 6.28
CA THR B 64 -16.06 -23.62 7.44
C THR B 64 -16.71 -24.95 7.06
N LEU B 65 -17.86 -24.85 6.39
CA LEU B 65 -18.63 -26.05 6.02
C LEU B 65 -17.81 -26.90 5.04
N ALA B 66 -17.15 -26.23 4.07
CA ALA B 66 -16.39 -27.00 3.09
C ALA B 66 -15.23 -27.72 3.79
N LEU B 67 -14.57 -27.04 4.73
CA LEU B 67 -13.39 -27.66 5.34
C LEU B 67 -13.78 -28.79 6.30
N ARG B 68 -14.90 -28.63 7.02
CA ARG B 68 -15.39 -29.71 7.88
C ARG B 68 -15.71 -30.96 7.05
N GLU B 69 -16.31 -30.76 5.87
CA GLU B 69 -16.63 -31.90 5.01
C GLU B 69 -15.35 -32.57 4.48
N LYS B 70 -14.33 -31.76 4.13
CA LYS B 70 -13.09 -32.29 3.60
C LYS B 70 -12.22 -32.94 4.68
N PHE B 71 -12.16 -32.35 5.87
CA PHE B 71 -11.11 -32.77 6.77
C PHE B 71 -11.66 -33.23 8.11
N GLY B 72 -12.99 -33.16 8.30
CA GLY B 72 -13.58 -33.50 9.59
C GLY B 72 -13.87 -32.27 10.46
N ALA B 73 -14.93 -32.30 11.28
CA ALA B 73 -15.34 -31.11 12.02
C ALA B 73 -14.33 -30.76 13.11
N ASP B 74 -13.60 -31.76 13.64
CA ASP B 74 -12.69 -31.49 14.75
C ASP B 74 -11.45 -30.75 14.27
N SER B 75 -11.24 -30.70 12.95
CA SER B 75 -10.01 -30.09 12.45
C SER B 75 -10.14 -28.57 12.21
N VAL B 76 -11.36 -28.02 12.33
CA VAL B 76 -11.66 -26.64 11.94
C VAL B 76 -12.22 -25.93 13.16
N LEU B 77 -11.68 -24.76 13.50
CA LEU B 77 -12.26 -23.89 14.49
C LEU B 77 -12.55 -22.56 13.79
N THR B 78 -13.76 -22.07 13.96
CA THR B 78 -14.14 -20.82 13.35
C THR B 78 -14.34 -19.82 14.47
N SER B 79 -14.01 -18.56 14.19
CA SER B 79 -14.02 -17.51 15.20
C SER B 79 -14.52 -16.23 14.55
N ASP B 80 -15.14 -15.36 15.36
CA ASP B 80 -15.69 -14.12 14.85
C ASP B 80 -15.88 -13.18 16.04
N LEU B 81 -16.11 -11.92 15.71
CA LEU B 81 -16.26 -10.83 16.66
C LEU B 81 -17.63 -10.89 17.32
N VAL B 82 -18.63 -11.22 16.49
CA VAL B 82 -20.02 -11.35 16.91
C VAL B 82 -20.31 -12.84 17.16
N THR B 83 -21.34 -13.15 17.95
CA THR B 83 -21.62 -14.57 18.21
C THR B 83 -22.65 -15.08 17.20
N PRO B 84 -22.75 -16.40 16.94
CA PRO B 84 -23.63 -16.89 15.88
C PRO B 84 -25.11 -16.57 16.12
N PRO B 85 -25.78 -15.84 15.19
CA PRO B 85 -27.24 -15.70 15.25
C PRO B 85 -27.96 -17.05 15.30
N GLU B 86 -29.22 -17.03 15.75
CA GLU B 86 -30.05 -18.22 15.92
C GLU B 86 -30.12 -19.06 14.64
N LYS B 87 -30.47 -18.43 13.50
CA LYS B 87 -30.66 -19.17 12.26
C LYS B 87 -29.37 -19.20 11.43
N HIS B 88 -28.21 -18.89 12.05
CA HIS B 88 -26.93 -18.97 11.34
C HIS B 88 -26.58 -20.43 11.12
N PRO B 89 -26.17 -20.80 9.88
CA PRO B 89 -25.64 -22.14 9.63
C PRO B 89 -24.66 -22.70 10.66
N LEU B 90 -23.87 -21.85 11.34
CA LEU B 90 -22.92 -22.36 12.33
C LEU B 90 -23.47 -22.07 13.73
N GLY B 95 -17.19 -25.97 17.88
CA GLY B 95 -16.37 -25.62 16.69
C GLY B 95 -16.32 -24.10 16.49
N TYR B 96 -16.86 -23.33 17.46
CA TYR B 96 -16.87 -21.87 17.39
C TYR B 96 -16.15 -21.28 18.62
N GLN B 97 -15.38 -20.21 18.41
CA GLN B 97 -14.79 -19.47 19.52
C GLN B 97 -14.83 -17.98 19.23
N HIS B 98 -15.27 -17.15 20.21
CA HIS B 98 -15.24 -15.70 20.08
C HIS B 98 -13.79 -15.23 19.94
N LEU B 99 -13.52 -14.37 18.95
CA LEU B 99 -12.23 -13.70 18.84
C LEU B 99 -12.37 -12.35 18.15
N ASN B 100 -11.99 -11.27 18.84
CA ASN B 100 -11.81 -9.96 18.22
C ASN B 100 -10.37 -9.86 17.75
N CYS B 101 -10.17 -9.87 16.42
CA CYS B 101 -8.83 -9.92 15.84
C CYS B 101 -8.03 -8.63 16.06
N MET B 102 -8.71 -7.56 16.50
CA MET B 102 -8.03 -6.33 16.90
C MET B 102 -7.35 -6.48 18.26
N ASP B 103 -7.77 -7.49 19.06
CA ASP B 103 -7.08 -7.73 20.33
C ASP B 103 -5.92 -8.70 20.08
N ARG B 104 -4.69 -8.17 20.00
CA ARG B 104 -3.54 -8.98 19.59
C ARG B 104 -3.26 -10.12 20.58
N ASP B 105 -3.38 -9.84 21.88
CA ASP B 105 -3.12 -10.85 22.91
C ASP B 105 -4.10 -12.01 22.81
N ALA B 106 -5.39 -11.70 22.60
CA ALA B 106 -6.43 -12.71 22.48
C ALA B 106 -6.22 -13.58 21.24
N TYR B 107 -5.77 -12.93 20.15
CA TYR B 107 -5.52 -13.60 18.88
C TYR B 107 -4.35 -14.57 19.09
N GLU B 108 -3.28 -14.09 19.74
CA GLU B 108 -2.13 -14.94 20.02
C GLU B 108 -2.53 -16.11 20.94
N LYS B 109 -3.31 -15.82 21.99
CA LYS B 109 -3.75 -16.88 22.90
C LYS B 109 -4.49 -17.99 22.15
N LEU B 110 -5.45 -17.64 21.27
CA LEU B 110 -6.20 -18.68 20.58
C LEU B 110 -5.24 -19.48 19.68
N VAL B 111 -4.35 -18.75 18.99
CA VAL B 111 -3.39 -19.45 18.12
C VAL B 111 -2.52 -20.40 18.95
N LYS B 112 -2.04 -19.93 20.10
CA LYS B 112 -1.16 -20.77 20.91
C LYS B 112 -1.94 -21.95 21.50
N ASP B 113 -3.21 -21.73 21.90
CA ASP B 113 -4.03 -22.80 22.48
C ASP B 113 -4.39 -23.84 21.42
N PHE B 114 -4.85 -23.43 20.24
CA PHE B 114 -5.40 -24.38 19.27
C PHE B 114 -4.29 -24.95 18.38
N LYS B 115 -3.23 -24.18 18.16
CA LYS B 115 -2.10 -24.61 17.33
C LYS B 115 -2.54 -24.96 15.89
N PRO B 116 -3.13 -24.00 15.18
CA PRO B 116 -3.52 -24.25 13.79
C PRO B 116 -2.27 -24.37 12.93
N THR B 117 -2.38 -25.14 11.83
CA THR B 117 -1.37 -25.15 10.79
C THR B 117 -1.79 -24.26 9.61
N TRP B 118 -3.10 -24.03 9.45
CA TRP B 118 -3.61 -23.11 8.44
C TRP B 118 -4.44 -22.05 9.14
N LEU B 119 -4.24 -20.79 8.72
CA LEU B 119 -5.01 -19.65 9.23
C LEU B 119 -5.66 -18.98 8.02
N PHE B 120 -6.98 -18.73 8.10
CA PHE B 120 -7.70 -17.97 7.09
C PHE B 120 -8.18 -16.71 7.79
N HIS B 121 -7.54 -15.58 7.49
CA HIS B 121 -7.88 -14.32 8.14
C HIS B 121 -8.84 -13.51 7.26
N LEU B 122 -10.15 -13.57 7.58
CA LEU B 122 -11.18 -13.06 6.66
C LEU B 122 -11.78 -11.71 7.07
N PRO B 123 -11.60 -11.15 8.29
CA PRO B 123 -12.28 -9.89 8.59
C PRO B 123 -11.74 -8.69 7.81
N ALA B 124 -12.65 -7.91 7.23
CA ALA B 124 -12.33 -6.66 6.57
C ALA B 124 -13.62 -5.86 6.42
N ILE B 125 -13.48 -4.54 6.43
CA ILE B 125 -14.52 -3.63 5.99
C ILE B 125 -14.37 -3.47 4.48
N MET B 126 -15.48 -3.71 3.77
CA MET B 126 -15.41 -3.79 2.31
C MET B 126 -15.76 -2.44 1.67
N SER B 127 -15.99 -2.41 0.35
CA SER B 127 -16.00 -1.17 -0.45
C SER B 127 -16.97 -0.13 0.09
N VAL B 128 -18.25 -0.51 0.14
CA VAL B 128 -19.28 0.49 0.33
C VAL B 128 -19.27 0.97 1.79
N ARG B 129 -19.27 0.02 2.73
CA ARG B 129 -19.10 0.36 4.14
C ARG B 129 -17.81 1.18 4.36
N GLY B 130 -16.76 0.85 3.60
CA GLY B 130 -15.49 1.48 3.86
C GLY B 130 -15.53 2.97 3.49
N GLU B 131 -16.30 3.29 2.45
CA GLU B 131 -16.48 4.69 2.06
C GLU B 131 -17.19 5.47 3.18
N ALA B 132 -18.16 4.85 3.85
CA ALA B 132 -18.90 5.50 4.92
C ALA B 132 -18.06 5.54 6.20
N GLU B 133 -17.25 4.50 6.46
CA GLU B 133 -16.51 4.43 7.71
C GLU B 133 -15.02 4.19 7.47
N PRO B 134 -14.29 5.18 6.90
CA PRO B 134 -12.91 4.97 6.47
C PRO B 134 -11.95 4.64 7.62
N GLN B 135 -12.22 5.23 8.80
CA GLN B 135 -11.39 5.01 9.97
C GLN B 135 -11.44 3.55 10.39
N LEU B 136 -12.66 3.01 10.48
CA LEU B 136 -12.83 1.62 10.87
C LEU B 136 -12.17 0.72 9.82
N ALA B 137 -12.42 1.03 8.53
CA ALA B 137 -11.82 0.23 7.47
C ALA B 137 -10.31 0.19 7.63
N MET B 138 -9.68 1.36 7.80
CA MET B 138 -8.24 1.38 7.99
C MET B 138 -7.81 0.67 9.25
N ASN B 139 -8.49 0.92 10.39
CA ASN B 139 -8.11 0.21 11.60
C ASN B 139 -8.16 -1.31 11.42
N LEU B 140 -9.25 -1.83 10.88
CA LEU B 140 -9.42 -3.29 10.88
C LEU B 140 -8.52 -3.87 9.80
N ASN B 141 -8.58 -3.26 8.62
CA ASN B 141 -7.99 -3.95 7.47
C ASN B 141 -6.48 -3.85 7.53
N ILE B 142 -5.93 -2.74 8.08
CA ILE B 142 -4.49 -2.67 8.25
C ILE B 142 -4.05 -3.47 9.48
N ASN B 143 -4.62 -3.16 10.65
CA ASN B 143 -4.03 -3.65 11.89
C ASN B 143 -4.32 -5.14 12.13
N SER B 144 -5.53 -5.62 11.75
CA SER B 144 -5.77 -7.03 12.02
C SER B 144 -4.93 -7.90 11.11
N THR B 145 -4.67 -7.37 9.90
CA THR B 145 -3.79 -8.05 8.95
C THR B 145 -2.38 -8.17 9.54
N ARG B 146 -1.87 -7.07 10.11
CA ARG B 146 -0.58 -7.12 10.76
C ARG B 146 -0.52 -8.20 11.84
N HIS B 147 -1.56 -8.24 12.68
CA HIS B 147 -1.62 -9.29 13.72
C HIS B 147 -1.53 -10.69 13.11
N ALA B 148 -2.36 -10.95 12.08
CA ALA B 148 -2.37 -12.25 11.43
C ALA B 148 -0.97 -12.60 10.92
N LEU B 149 -0.28 -11.66 10.27
CA LEU B 149 0.97 -12.03 9.63
C LEU B 149 2.03 -12.30 10.70
N ASP B 150 2.06 -11.47 11.76
CA ASP B 150 3.05 -11.66 12.82
C ASP B 150 2.84 -12.99 13.53
N LEU B 151 1.58 -13.36 13.75
CA LEU B 151 1.30 -14.65 14.36
C LEU B 151 1.59 -15.82 13.41
N ALA B 152 1.27 -15.67 12.12
CA ALA B 152 1.60 -16.73 11.18
C ALA B 152 3.11 -16.94 11.10
N ARG B 153 3.88 -15.85 11.21
CA ARG B 153 5.34 -15.97 11.22
C ARG B 153 5.82 -16.72 12.48
N ASP B 154 5.35 -16.28 13.65
CA ASP B 154 5.91 -16.78 14.90
C ASP B 154 5.47 -18.22 15.17
N TYR B 155 4.24 -18.54 14.75
CA TYR B 155 3.68 -19.85 15.09
C TYR B 155 3.65 -20.74 13.87
N LYS B 156 4.33 -20.32 12.78
CA LYS B 156 4.60 -21.15 11.60
C LYS B 156 3.31 -21.66 10.96
N MET B 157 2.37 -20.77 10.61
CA MET B 157 1.13 -21.15 9.97
C MET B 157 1.16 -20.76 8.47
N ARG B 158 0.50 -21.56 7.66
CA ARG B 158 0.14 -21.18 6.29
C ARG B 158 -1.04 -20.20 6.40
N CYS B 159 -0.82 -18.97 5.92
CA CYS B 159 -1.67 -17.83 6.23
C CYS B 159 -2.35 -17.31 4.96
N PHE B 160 -3.67 -17.57 4.83
CA PHE B 160 -4.47 -16.99 3.74
C PHE B 160 -5.13 -15.68 4.18
N ILE B 161 -4.82 -14.60 3.45
CA ILE B 161 -5.58 -13.36 3.66
C ILE B 161 -6.02 -12.91 2.29
N PRO B 162 -7.34 -12.86 2.00
CA PRO B 162 -7.80 -12.61 0.64
C PRO B 162 -7.61 -11.14 0.27
N SER B 163 -7.29 -10.91 -0.99
CA SER B 163 -7.44 -9.60 -1.58
C SER B 163 -8.69 -9.64 -2.47
N THR B 164 -8.75 -8.76 -3.47
CA THR B 164 -10.01 -8.46 -4.14
C THR B 164 -9.70 -7.70 -5.43
N ILE B 165 -10.67 -7.73 -6.35
CA ILE B 165 -10.58 -6.90 -7.55
C ILE B 165 -10.61 -5.42 -7.17
N ALA B 166 -10.96 -5.10 -5.90
CA ALA B 166 -11.04 -3.71 -5.50
C ALA B 166 -9.63 -3.13 -5.34
N ALA B 167 -8.60 -3.99 -5.42
CA ALA B 167 -7.23 -3.48 -5.40
C ALA B 167 -6.91 -2.68 -6.67
N PHE B 168 -7.63 -2.99 -7.75
CA PHE B 168 -7.52 -2.30 -9.03
C PHE B 168 -8.30 -0.98 -9.09
N GLY B 169 -7.80 -0.05 -9.92
CA GLY B 169 -8.54 1.16 -10.25
C GLY B 169 -8.52 1.35 -11.76
N ASP B 170 -8.88 2.55 -12.22
CA ASP B 170 -9.16 2.75 -13.63
C ASP B 170 -7.92 2.67 -14.53
N LYS B 171 -6.69 2.50 -14.00
CA LYS B 171 -5.50 2.39 -14.83
C LYS B 171 -5.02 0.94 -14.97
N CYS B 172 -5.80 -0.04 -14.47
CA CYS B 172 -5.29 -1.41 -14.33
C CYS B 172 -5.21 -2.13 -15.69
N GLY B 173 -5.88 -1.58 -16.72
CA GLY B 173 -6.12 -2.34 -17.94
C GLY B 173 -7.32 -3.26 -17.69
N LYS B 174 -8.53 -2.75 -17.98
CA LYS B 174 -9.79 -3.33 -17.51
C LYS B 174 -10.16 -4.66 -18.17
N VAL B 175 -9.56 -5.01 -19.32
CA VAL B 175 -9.98 -6.22 -20.00
C VAL B 175 -8.90 -7.26 -19.77
N ASN B 176 -9.30 -8.41 -19.23
CA ASN B 176 -8.34 -9.45 -18.91
C ASN B 176 -7.20 -8.88 -18.04
N THR B 177 -7.58 -8.22 -16.95
CA THR B 177 -6.60 -7.56 -16.08
C THR B 177 -5.52 -8.55 -15.63
N LYS B 178 -4.26 -8.16 -15.76
CA LYS B 178 -3.15 -9.04 -15.41
C LYS B 178 -2.87 -9.01 -13.90
N ASP B 179 -2.03 -9.93 -13.44
CA ASP B 179 -1.63 -10.02 -12.04
C ASP B 179 -0.74 -8.83 -11.66
N ASP B 180 0.18 -8.48 -12.56
CA ASP B 180 1.10 -7.35 -12.37
C ASP B 180 0.68 -6.20 -13.29
N THR B 181 0.19 -5.13 -12.68
CA THR B 181 -0.26 -3.97 -13.43
C THR B 181 -0.16 -2.73 -12.54
N ILE B 182 -0.61 -1.56 -13.07
CA ILE B 182 -0.75 -0.36 -12.27
C ILE B 182 -1.89 -0.56 -11.28
N LEU B 183 -1.63 -0.23 -10.00
CA LEU B 183 -2.71 -0.27 -9.01
C LEU B 183 -3.03 1.16 -8.55
N ASN B 184 -4.28 1.58 -8.80
CA ASN B 184 -4.69 2.90 -8.37
C ASN B 184 -6.09 2.80 -7.78
N PRO B 185 -6.31 2.05 -6.68
CA PRO B 185 -7.70 1.85 -6.21
C PRO B 185 -8.37 3.15 -5.80
N SER B 186 -9.68 3.24 -6.02
CA SER B 186 -10.44 4.46 -5.76
C SER B 186 -11.16 4.42 -4.41
N THR B 187 -11.08 3.26 -3.70
CA THR B 187 -11.74 3.13 -2.41
C THR B 187 -10.70 2.92 -1.32
N VAL B 188 -11.06 3.33 -0.09
CA VAL B 188 -10.17 3.11 1.04
C VAL B 188 -9.97 1.62 1.28
N TYR B 189 -11.05 0.84 1.09
CA TYR B 189 -10.94 -0.63 1.10
C TYR B 189 -9.85 -1.11 0.14
N GLY B 190 -9.91 -0.67 -1.12
CA GLY B 190 -8.91 -1.08 -2.10
C GLY B 190 -7.48 -0.68 -1.68
N VAL B 191 -7.36 0.51 -1.10
CA VAL B 191 -6.06 0.95 -0.62
C VAL B 191 -5.55 -0.04 0.44
N THR B 192 -6.41 -0.42 1.41
CA THR B 192 -5.99 -1.31 2.48
C THR B 192 -5.65 -2.69 1.93
N LYS B 193 -6.31 -3.11 0.84
CA LYS B 193 -6.03 -4.44 0.29
C LYS B 193 -4.73 -4.45 -0.53
N VAL B 194 -4.38 -3.31 -1.15
CA VAL B 194 -3.06 -3.25 -1.76
C VAL B 194 -2.01 -3.41 -0.66
N PHE B 195 -2.22 -2.67 0.44
CA PHE B 195 -1.36 -2.84 1.61
C PHE B 195 -1.24 -4.30 2.03
N THR B 196 -2.40 -4.95 2.15
CA THR B 196 -2.44 -6.35 2.55
C THR B 196 -1.56 -7.20 1.63
N GLU B 197 -1.78 -7.07 0.30
CA GLU B 197 -1.00 -7.82 -0.70
C GLU B 197 0.50 -7.51 -0.58
N MET B 198 0.84 -6.23 -0.43
CA MET B 198 2.25 -5.86 -0.44
C MET B 198 2.94 -6.29 0.85
N ILE B 199 2.28 -6.08 2.01
CA ILE B 199 2.92 -6.49 3.25
C ILE B 199 2.98 -8.01 3.35
N GLY B 200 1.94 -8.72 2.88
CA GLY B 200 1.94 -10.18 2.93
C GLY B 200 3.07 -10.73 2.05
N THR B 201 3.20 -10.16 0.85
CA THR B 201 4.29 -10.53 -0.06
C THR B 201 5.65 -10.28 0.59
N TYR B 202 5.81 -9.11 1.22
CA TYR B 202 7.04 -8.80 1.96
C TYR B 202 7.30 -9.87 3.02
N TYR B 203 6.25 -10.32 3.75
CA TYR B 203 6.48 -11.35 4.76
C TYR B 203 6.90 -12.66 4.11
N ARG B 204 6.29 -12.99 2.97
CA ARG B 204 6.65 -14.24 2.32
C ARG B 204 8.11 -14.20 1.85
N GLU B 205 8.54 -13.05 1.33
CA GLU B 205 9.87 -12.88 0.73
C GLU B 205 10.97 -12.75 1.78
N LYS B 206 10.75 -11.99 2.86
CA LYS B 206 11.83 -11.54 3.71
C LYS B 206 11.64 -11.98 5.16
N MET B 207 10.43 -12.44 5.54
CA MET B 207 10.14 -12.76 6.94
C MET B 207 9.82 -14.25 7.10
N GLY B 208 10.09 -15.07 6.06
CA GLY B 208 9.93 -16.51 6.14
C GLY B 208 8.50 -16.96 6.47
N THR B 209 7.49 -16.17 6.09
CA THR B 209 6.12 -16.45 6.44
C THR B 209 5.39 -17.00 5.21
N ASP B 210 4.67 -18.11 5.41
CA ASP B 210 3.92 -18.78 4.35
C ASP B 210 2.59 -18.07 4.07
N PHE B 211 2.65 -16.84 3.55
CA PHE B 211 1.49 -16.03 3.22
C PHE B 211 1.05 -16.40 1.80
N ARG B 212 -0.27 -16.62 1.61
CA ARG B 212 -0.83 -16.96 0.30
C ARG B 212 -2.14 -16.19 0.13
N SER B 213 -2.40 -15.73 -1.11
CA SER B 213 -3.61 -14.94 -1.27
C SER B 213 -4.16 -15.08 -2.70
N VAL B 214 -5.46 -14.76 -2.85
CA VAL B 214 -6.05 -14.57 -4.18
C VAL B 214 -6.76 -13.21 -4.22
N ARG B 215 -6.85 -12.63 -5.43
CA ARG B 215 -7.79 -11.54 -5.61
C ARG B 215 -9.12 -12.16 -6.00
N PHE B 216 -10.06 -12.12 -5.04
CA PHE B 216 -11.41 -12.60 -5.32
C PHE B 216 -12.18 -11.61 -6.19
N PRO B 217 -12.88 -12.12 -7.23
CA PRO B 217 -13.98 -11.39 -7.87
C PRO B 217 -15.11 -11.20 -6.84
N GLY B 218 -16.21 -10.59 -7.27
CA GLY B 218 -17.48 -10.65 -6.55
C GLY B 218 -17.87 -12.12 -6.30
N ILE B 219 -18.11 -12.51 -5.05
CA ILE B 219 -18.48 -13.91 -4.78
C ILE B 219 -19.99 -14.03 -4.60
N ILE B 220 -20.59 -15.02 -5.28
CA ILE B 220 -22.03 -15.27 -5.20
C ILE B 220 -22.28 -16.55 -4.41
N SER B 221 -23.25 -16.47 -3.50
CA SER B 221 -23.64 -17.66 -2.75
C SER B 221 -25.09 -17.55 -2.29
N ALA B 222 -25.69 -18.71 -2.01
CA ALA B 222 -27.08 -18.78 -1.61
C ALA B 222 -27.27 -18.69 -0.09
N ALA B 223 -26.23 -18.94 0.72
CA ALA B 223 -26.45 -19.08 2.17
C ALA B 223 -26.50 -17.71 2.88
N THR B 224 -25.35 -17.31 3.43
CA THR B 224 -25.15 -16.03 4.13
C THR B 224 -25.08 -14.89 3.12
N LEU B 225 -25.99 -13.91 3.30
CA LEU B 225 -26.00 -12.69 2.51
C LEU B 225 -24.67 -11.92 2.63
N PRO B 226 -24.33 -11.10 1.59
CA PRO B 226 -23.02 -10.43 1.54
C PRO B 226 -22.95 -9.23 2.48
N GLY B 227 -21.71 -8.79 2.78
CA GLY B 227 -21.51 -7.68 3.71
C GLY B 227 -20.94 -6.44 3.03
N GLY B 228 -20.73 -6.51 1.69
CA GLY B 228 -19.75 -5.67 1.00
C GLY B 228 -20.37 -4.49 0.24
N GLY B 229 -21.53 -4.76 -0.36
CA GLY B 229 -22.35 -3.77 -1.06
C GLY B 229 -22.20 -3.86 -2.59
N ALA B 230 -20.95 -3.93 -3.08
CA ALA B 230 -20.68 -3.49 -4.44
C ALA B 230 -21.17 -4.45 -5.52
N THR B 231 -20.87 -5.74 -5.33
CA THR B 231 -21.23 -6.79 -6.26
C THR B 231 -22.42 -7.57 -5.70
N ASP B 232 -22.98 -7.05 -4.61
CA ASP B 232 -24.10 -7.69 -3.93
C ASP B 232 -25.36 -7.72 -4.78
N TYR B 233 -25.42 -6.87 -5.83
CA TYR B 233 -26.60 -6.80 -6.66
C TYR B 233 -26.96 -8.16 -7.23
N ALA B 234 -25.95 -9.00 -7.52
CA ALA B 234 -26.25 -10.27 -8.16
C ALA B 234 -27.10 -11.15 -7.24
N ILE B 235 -26.70 -11.25 -5.98
CA ILE B 235 -27.48 -12.05 -5.03
C ILE B 235 -28.87 -11.42 -4.87
N HIS B 236 -28.93 -10.08 -4.78
CA HIS B 236 -30.22 -9.44 -4.53
C HIS B 236 -31.20 -9.75 -5.66
N MET B 237 -30.67 -9.79 -6.89
CA MET B 237 -31.48 -10.02 -8.08
C MET B 237 -32.10 -11.42 -8.03
N TYR B 238 -31.33 -12.44 -7.61
CA TYR B 238 -31.88 -13.79 -7.46
C TYR B 238 -33.06 -13.81 -6.47
N HIS B 239 -32.86 -13.22 -5.28
CA HIS B 239 -33.90 -13.14 -4.26
C HIS B 239 -35.16 -12.51 -4.84
N CYS B 240 -35.01 -11.33 -5.49
CA CYS B 240 -36.14 -10.62 -6.08
C CYS B 240 -36.91 -11.46 -7.09
N ALA B 241 -36.17 -12.15 -7.97
CA ALA B 241 -36.81 -12.97 -8.99
C ALA B 241 -37.70 -14.02 -8.32
N LEU B 242 -37.22 -14.58 -7.20
CA LEU B 242 -37.94 -15.67 -6.56
C LEU B 242 -39.19 -15.16 -5.82
N LEU B 243 -39.07 -13.97 -5.19
CA LEU B 243 -40.15 -13.28 -4.52
C LEU B 243 -41.11 -12.67 -5.54
N GLY B 244 -40.69 -12.63 -6.81
CA GLY B 244 -41.45 -12.03 -7.89
C GLY B 244 -41.60 -10.52 -7.74
N LYS B 245 -40.60 -9.84 -7.16
CA LYS B 245 -40.70 -8.41 -6.94
C LYS B 245 -39.66 -7.66 -7.78
N LYS B 246 -39.89 -6.36 -7.98
CA LYS B 246 -38.99 -5.60 -8.84
C LYS B 246 -37.68 -5.36 -8.10
N TYR B 247 -36.56 -5.39 -8.84
CA TYR B 247 -35.29 -5.17 -8.18
C TYR B 247 -34.80 -3.76 -8.54
N VAL B 248 -34.24 -3.01 -7.57
CA VAL B 248 -33.64 -1.71 -7.89
C VAL B 248 -32.12 -1.88 -7.88
N CYS B 249 -31.51 -1.74 -9.05
CA CYS B 249 -30.11 -2.08 -9.24
C CYS B 249 -29.19 -0.85 -9.25
N PRO B 250 -28.20 -0.79 -8.33
CA PRO B 250 -27.30 0.35 -8.26
C PRO B 250 -26.14 0.36 -9.27
N VAL B 251 -25.95 -0.76 -9.98
CA VAL B 251 -24.88 -0.85 -10.97
C VAL B 251 -25.49 -0.68 -12.37
N ARG B 252 -24.79 0.11 -13.21
CA ARG B 252 -25.20 0.36 -14.59
C ARG B 252 -25.50 -0.96 -15.30
N ARG B 253 -26.59 -0.96 -16.09
CA ARG B 253 -27.06 -2.14 -16.81
C ARG B 253 -25.98 -2.84 -17.66
N ASP B 254 -25.00 -2.09 -18.18
CA ASP B 254 -24.04 -2.75 -19.05
C ASP B 254 -22.63 -2.70 -18.44
N GLU B 255 -22.55 -2.58 -17.11
CA GLU B 255 -21.24 -2.50 -16.49
C GLU B 255 -20.78 -3.91 -16.17
N PRO B 256 -19.75 -4.45 -16.86
CA PRO B 256 -19.30 -5.81 -16.58
C PRO B 256 -18.40 -5.86 -15.35
N LEU B 257 -18.47 -6.98 -14.63
CA LEU B 257 -17.60 -7.22 -13.48
C LEU B 257 -17.19 -8.69 -13.45
N PRO B 258 -15.98 -9.00 -12.94
CA PRO B 258 -15.56 -10.37 -12.64
C PRO B 258 -16.38 -10.83 -11.44
N MET B 259 -16.94 -12.04 -11.57
CA MET B 259 -17.73 -12.70 -10.54
C MET B 259 -17.30 -14.16 -10.49
N LEU B 260 -17.71 -14.84 -9.40
CA LEU B 260 -17.28 -16.20 -9.11
C LEU B 260 -18.29 -16.83 -8.15
N TYR B 261 -18.71 -18.06 -8.47
CA TYR B 261 -19.64 -18.78 -7.60
C TYR B 261 -18.84 -19.40 -6.46
N MET B 262 -19.45 -19.40 -5.27
CA MET B 262 -18.80 -19.83 -4.03
C MET B 262 -18.09 -21.19 -4.18
N PRO B 263 -18.67 -22.27 -4.75
CA PRO B 263 -17.96 -23.56 -4.75
C PRO B 263 -16.65 -23.44 -5.52
N ASP B 264 -16.62 -22.64 -6.59
CA ASP B 264 -15.37 -22.47 -7.34
C ASP B 264 -14.38 -21.61 -6.53
N ALA B 265 -14.86 -20.58 -5.84
CA ALA B 265 -14.03 -19.75 -4.97
C ALA B 265 -13.37 -20.62 -3.91
N LEU B 266 -14.16 -21.47 -3.27
CA LEU B 266 -13.63 -22.25 -2.15
C LEU B 266 -12.70 -23.36 -2.66
N GLY B 267 -13.09 -24.00 -3.78
CA GLY B 267 -12.26 -25.03 -4.36
C GLY B 267 -10.88 -24.47 -4.69
N GLY B 268 -10.85 -23.22 -5.14
CA GLY B 268 -9.63 -22.54 -5.56
C GLY B 268 -8.77 -22.19 -4.33
N VAL B 269 -9.39 -21.58 -3.31
CA VAL B 269 -8.64 -21.25 -2.11
C VAL B 269 -8.05 -22.52 -1.49
N ILE B 270 -8.86 -23.56 -1.40
CA ILE B 270 -8.38 -24.80 -0.79
C ILE B 270 -7.21 -25.38 -1.61
N LYS B 271 -7.37 -25.44 -2.94
CA LYS B 271 -6.29 -25.96 -3.77
C LYS B 271 -5.01 -25.13 -3.60
N LEU B 272 -5.14 -23.79 -3.51
CA LEU B 272 -3.97 -22.96 -3.32
C LEU B 272 -3.31 -23.30 -1.98
N MET B 273 -4.12 -23.51 -0.95
CA MET B 273 -3.61 -23.78 0.39
C MET B 273 -2.97 -25.17 0.47
N GLU B 274 -3.31 -26.05 -0.50
CA GLU B 274 -2.76 -27.39 -0.53
C GLU B 274 -1.44 -27.41 -1.30
N ALA B 275 -1.15 -26.37 -2.09
CA ALA B 275 -0.07 -26.35 -3.09
C ALA B 275 1.27 -26.36 -2.37
N SER B 276 2.31 -26.93 -2.99
CA SER B 276 3.64 -26.80 -2.42
C SER B 276 4.20 -25.39 -2.65
N ASP B 277 5.06 -24.97 -1.70
CA ASP B 277 5.73 -23.68 -1.80
C ASP B 277 6.46 -23.55 -3.13
N SER B 278 6.94 -24.69 -3.65
CA SER B 278 7.82 -24.69 -4.82
C SER B 278 7.06 -24.25 -6.08
N CYS B 279 5.76 -24.54 -6.16
CA CYS B 279 5.07 -24.21 -7.39
CA CYS B 279 4.94 -24.24 -7.32
C CYS B 279 4.58 -22.76 -7.37
N LEU B 280 4.67 -22.11 -6.19
CA LEU B 280 4.13 -20.77 -6.06
C LEU B 280 5.16 -19.72 -6.48
N LYS B 281 5.03 -19.19 -7.69
CA LYS B 281 5.98 -18.18 -8.14
C LYS B 281 5.62 -16.80 -7.61
N ARG B 282 4.40 -16.61 -7.09
CA ARG B 282 4.01 -15.33 -6.52
C ARG B 282 3.12 -15.57 -5.30
N ALA B 283 2.80 -14.51 -4.53
CA ALA B 283 2.11 -14.75 -3.27
C ALA B 283 0.62 -14.51 -3.49
N VAL B 284 0.30 -13.64 -4.45
CA VAL B 284 -1.06 -13.15 -4.65
C VAL B 284 -1.46 -13.53 -6.09
N TYR B 285 -2.64 -14.14 -6.26
CA TYR B 285 -3.11 -14.58 -7.59
C TYR B 285 -4.51 -14.08 -7.92
N ASN B 286 -4.70 -13.48 -9.13
CA ASN B 286 -6.06 -13.30 -9.62
C ASN B 286 -6.68 -14.68 -9.82
N ILE B 287 -7.95 -14.84 -9.43
CA ILE B 287 -8.73 -16.00 -9.83
C ILE B 287 -10.04 -15.50 -10.44
N SER B 288 -10.56 -16.19 -11.46
CA SER B 288 -11.74 -15.68 -12.13
C SER B 288 -12.80 -16.79 -12.26
N GLY B 289 -14.06 -16.39 -12.37
CA GLY B 289 -15.12 -17.34 -12.69
C GLY B 289 -15.69 -17.01 -14.06
N PHE B 290 -16.24 -15.80 -14.17
CA PHE B 290 -16.88 -15.30 -15.38
C PHE B 290 -17.02 -13.78 -15.25
N SER B 291 -17.30 -13.13 -16.38
CA SER B 291 -17.55 -11.70 -16.33
C SER B 291 -18.96 -11.46 -16.88
N PHE B 292 -19.80 -10.68 -16.16
CA PHE B 292 -21.11 -10.36 -16.71
C PHE B 292 -21.59 -8.98 -16.27
N THR B 293 -22.61 -8.46 -16.96
CA THR B 293 -23.30 -7.21 -16.64
C THR B 293 -24.62 -7.52 -15.94
N PRO B 294 -25.23 -6.53 -15.26
CA PRO B 294 -26.55 -6.72 -14.66
C PRO B 294 -27.56 -7.25 -15.66
N GLU B 295 -27.51 -6.74 -16.90
CA GLU B 295 -28.56 -7.12 -17.83
C GLU B 295 -28.33 -8.55 -18.32
N GLN B 296 -27.07 -8.99 -18.37
CA GLN B 296 -26.82 -10.39 -18.73
C GLN B 296 -27.29 -11.31 -17.60
N LEU B 297 -27.08 -10.89 -16.33
CA LEU B 297 -27.56 -11.75 -15.26
C LEU B 297 -29.10 -11.78 -15.25
N ARG B 298 -29.75 -10.63 -15.48
CA ARG B 298 -31.20 -10.54 -15.63
C ARG B 298 -31.70 -11.53 -16.70
N ALA B 299 -31.00 -11.63 -17.83
CA ALA B 299 -31.40 -12.53 -18.92
C ALA B 299 -31.23 -14.00 -18.51
N SER B 300 -30.14 -14.33 -17.80
CA SER B 300 -29.88 -15.68 -17.32
C SER B 300 -31.01 -16.13 -16.41
N ILE B 301 -31.41 -15.23 -15.49
CA ILE B 301 -32.43 -15.56 -14.50
C ILE B 301 -33.75 -15.76 -15.26
N GLU B 302 -34.05 -14.82 -16.18
CA GLU B 302 -35.31 -14.86 -16.91
C GLU B 302 -35.44 -16.12 -17.73
N ALA B 303 -34.33 -16.55 -18.37
CA ALA B 303 -34.32 -17.72 -19.22
C ALA B 303 -34.62 -18.98 -18.41
N ARG B 304 -34.16 -18.99 -17.15
CA ARG B 304 -34.30 -20.17 -16.33
C ARG B 304 -35.69 -20.25 -15.70
N MET B 305 -36.26 -19.11 -15.31
CA MET B 305 -37.56 -19.08 -14.66
C MET B 305 -38.66 -19.00 -15.71
N LYS B 306 -38.28 -18.69 -16.95
CA LYS B 306 -39.21 -18.54 -18.06
C LYS B 306 -40.24 -17.46 -17.73
N ARG B 307 -39.83 -16.45 -16.96
CA ARG B 307 -40.68 -15.30 -16.73
C ARG B 307 -39.83 -14.04 -16.61
N PRO B 308 -40.39 -12.83 -16.88
CA PRO B 308 -39.60 -11.60 -16.81
C PRO B 308 -39.25 -11.22 -15.37
N LEU B 309 -38.16 -10.46 -15.24
CA LEU B 309 -37.79 -9.90 -13.95
C LEU B 309 -37.78 -8.39 -14.17
N GLU B 310 -38.46 -7.65 -13.28
CA GLU B 310 -38.47 -6.20 -13.38
C GLU B 310 -37.24 -5.65 -12.66
N VAL B 311 -36.44 -4.87 -13.39
CA VAL B 311 -35.26 -4.21 -12.82
C VAL B 311 -35.32 -2.71 -13.16
N GLU B 312 -35.04 -1.86 -12.17
CA GLU B 312 -34.98 -0.43 -12.39
C GLU B 312 -33.55 -0.02 -12.04
N TYR B 313 -32.86 0.63 -13.00
CA TYR B 313 -31.48 1.04 -12.81
C TYR B 313 -31.46 2.42 -12.16
N VAL B 314 -30.94 2.47 -10.94
CA VAL B 314 -30.76 3.74 -10.26
C VAL B 314 -29.30 3.73 -9.81
N GLU B 315 -28.47 4.39 -10.62
CA GLU B 315 -27.02 4.33 -10.49
C GLU B 315 -26.63 5.02 -9.20
N GLY B 316 -25.96 4.26 -8.33
CA GLY B 316 -25.57 4.76 -7.03
C GLY B 316 -24.06 4.69 -6.82
N PRO B 317 -23.61 4.87 -5.57
CA PRO B 317 -22.19 4.81 -5.24
C PRO B 317 -21.51 3.56 -5.79
N ALA B 318 -22.24 2.42 -5.79
CA ALA B 318 -21.70 1.16 -6.26
C ALA B 318 -21.26 1.26 -7.72
N GLN B 319 -22.01 2.03 -8.53
CA GLN B 319 -21.62 2.14 -9.93
C GLN B 319 -20.25 2.81 -10.08
N SER B 320 -20.05 3.93 -9.36
CA SER B 320 -18.76 4.62 -9.41
C SER B 320 -17.61 3.70 -9.04
N ILE B 321 -17.86 2.86 -8.04
CA ILE B 321 -16.85 1.90 -7.60
C ILE B 321 -16.65 0.83 -8.68
N ALA B 322 -17.75 0.24 -9.14
CA ALA B 322 -17.70 -0.82 -10.12
C ALA B 322 -16.98 -0.39 -11.41
N HIS B 323 -17.17 0.86 -11.82
CA HIS B 323 -16.62 1.32 -13.08
C HIS B 323 -15.10 1.44 -12.97
N SER B 324 -14.59 1.61 -11.72
CA SER B 324 -13.16 1.69 -11.47
C SER B 324 -12.51 0.30 -11.47
N TRP B 325 -13.32 -0.77 -11.46
CA TRP B 325 -12.82 -2.13 -11.28
C TRP B 325 -12.67 -2.79 -12.64
N PRO B 326 -11.90 -3.90 -12.77
CA PRO B 326 -11.79 -4.63 -14.03
C PRO B 326 -13.15 -5.06 -14.57
N ASP B 327 -13.22 -5.21 -15.89
CA ASP B 327 -14.35 -5.84 -16.55
C ASP B 327 -14.21 -7.37 -16.47
N SER B 328 -12.98 -7.86 -16.65
CA SER B 328 -12.70 -9.29 -16.62
C SER B 328 -11.26 -9.48 -16.13
N LEU B 329 -10.89 -10.68 -15.65
CA LEU B 329 -9.56 -10.88 -15.07
C LEU B 329 -8.78 -11.92 -15.86
N ASP B 330 -7.45 -11.80 -15.88
CA ASP B 330 -6.59 -12.88 -16.34
C ASP B 330 -6.09 -13.71 -15.15
N ASP B 331 -6.44 -15.01 -15.08
CA ASP B 331 -6.01 -15.87 -13.99
C ASP B 331 -5.03 -16.93 -14.50
N SER B 332 -4.31 -16.61 -15.60
CA SER B 332 -3.45 -17.63 -16.16
C SER B 332 -2.33 -18.06 -15.20
N ASN B 333 -1.84 -17.18 -14.30
CA ASN B 333 -0.79 -17.60 -13.37
C ASN B 333 -1.30 -18.65 -12.38
N ALA B 334 -2.50 -18.41 -11.82
CA ALA B 334 -3.08 -19.36 -10.89
C ALA B 334 -3.30 -20.71 -11.58
N ARG B 335 -3.80 -20.71 -12.82
CA ARG B 335 -4.02 -21.97 -13.53
C ARG B 335 -2.69 -22.71 -13.76
N GLN B 336 -1.65 -21.95 -14.16
CA GLN B 336 -0.33 -22.49 -14.49
C GLN B 336 0.38 -23.00 -13.24
N ASP B 337 0.42 -22.20 -12.17
CA ASP B 337 1.28 -22.50 -11.02
C ASP B 337 0.69 -23.58 -10.12
N TRP B 338 -0.63 -23.55 -9.85
CA TRP B 338 -1.18 -24.48 -8.87
C TRP B 338 -2.48 -25.13 -9.32
N GLY B 339 -2.85 -24.96 -10.60
CA GLY B 339 -3.93 -25.79 -11.17
C GLY B 339 -5.36 -25.30 -10.87
N TYR B 340 -5.51 -23.98 -10.66
CA TYR B 340 -6.82 -23.39 -10.44
C TYR B 340 -7.77 -23.84 -11.57
N GLU B 341 -8.96 -24.30 -11.23
CA GLU B 341 -9.96 -24.53 -12.29
C GLU B 341 -11.35 -24.16 -11.78
N THR B 342 -12.33 -24.05 -12.69
CA THR B 342 -13.69 -23.80 -12.22
C THR B 342 -14.65 -24.80 -12.85
N LYS B 343 -15.81 -25.01 -12.19
CA LYS B 343 -16.82 -25.98 -12.63
C LYS B 343 -18.13 -25.30 -13.02
N TYR B 344 -18.36 -24.05 -12.55
CA TYR B 344 -19.63 -23.40 -12.80
C TYR B 344 -19.51 -22.25 -13.79
N ASP B 345 -20.34 -22.29 -14.84
CA ASP B 345 -20.57 -21.18 -15.74
C ASP B 345 -21.79 -20.43 -15.21
N VAL B 346 -22.17 -19.32 -15.85
CA VAL B 346 -23.27 -18.51 -15.34
C VAL B 346 -24.57 -19.31 -15.32
N ASP B 347 -24.85 -20.09 -16.37
CA ASP B 347 -26.12 -20.81 -16.40
C ASP B 347 -26.23 -21.79 -15.25
N LYS B 348 -25.13 -22.49 -14.95
CA LYS B 348 -25.10 -23.51 -13.92
C LYS B 348 -25.24 -22.83 -12.56
N MET B 349 -24.56 -21.69 -12.39
CA MET B 349 -24.74 -20.95 -11.15
C MET B 349 -26.19 -20.50 -10.99
N THR B 350 -26.81 -20.03 -12.08
CA THR B 350 -28.20 -19.54 -12.03
C THR B 350 -29.15 -20.67 -11.61
N ASP B 351 -28.92 -21.83 -12.21
CA ASP B 351 -29.75 -23.01 -11.95
C ASP B 351 -29.64 -23.39 -10.48
N ASP B 352 -28.39 -23.43 -9.97
CA ASP B 352 -28.14 -23.75 -8.57
C ASP B 352 -28.76 -22.73 -7.61
N MET B 353 -28.57 -21.43 -7.89
CA MET B 353 -29.01 -20.37 -7.00
C MET B 353 -30.53 -20.37 -6.84
N LEU B 354 -31.27 -20.53 -7.95
CA LEU B 354 -32.74 -20.42 -7.94
C LEU B 354 -33.34 -21.65 -7.25
N ARG B 355 -32.59 -22.75 -7.19
CA ARG B 355 -33.08 -23.95 -6.53
C ARG B 355 -32.65 -23.97 -5.06
N GLN B 356 -31.50 -23.36 -4.75
CA GLN B 356 -30.95 -23.45 -3.40
C GLN B 356 -31.50 -22.39 -2.44
N ILE B 357 -31.69 -21.15 -2.93
CA ILE B 357 -32.19 -20.08 -2.08
C ILE B 357 -33.51 -20.46 -1.42
N PRO B 358 -34.54 -20.97 -2.14
CA PRO B 358 -35.78 -21.36 -1.48
C PRO B 358 -35.57 -22.42 -0.37
N VAL B 359 -34.72 -23.42 -0.62
CA VAL B 359 -34.45 -24.46 0.36
C VAL B 359 -33.83 -23.85 1.62
N LEU B 360 -32.86 -22.93 1.47
CA LEU B 360 -32.15 -22.40 2.62
C LEU B 360 -32.95 -21.28 3.29
N HIS B 361 -33.76 -20.54 2.52
CA HIS B 361 -34.34 -19.31 3.05
C HIS B 361 -35.87 -19.39 3.07
N GLY B 362 -36.44 -20.49 2.57
CA GLY B 362 -37.89 -20.67 2.57
C GLY B 362 -38.62 -19.65 1.68
N LEU B 363 -38.01 -19.24 0.57
CA LEU B 363 -38.69 -18.43 -0.44
C LEU B 363 -39.54 -19.36 -1.33
N PRO B 364 -40.45 -18.83 -2.20
CA PRO B 364 -41.20 -19.70 -3.13
C PRO B 364 -40.25 -20.34 -4.13
N SER B 365 -40.59 -21.56 -4.58
CA SER B 365 -39.93 -22.24 -5.69
C SER B 365 -40.39 -21.69 -7.05
PA NAD C . 15.66 11.76 8.93
O1A NAD C . 16.92 12.49 8.60
O2A NAD C . 15.78 10.38 9.46
O5B NAD C . 14.73 12.60 9.91
C5B NAD C . 13.40 12.13 10.28
C4B NAD C . 12.98 12.86 11.52
O4B NAD C . 11.76 12.27 12.01
C3B NAD C . 13.98 12.82 12.70
O3B NAD C . 14.33 14.11 13.21
C2B NAD C . 13.24 11.98 13.74
O2B NAD C . 13.52 12.32 15.08
C1B NAD C . 11.80 12.34 13.41
N9A NAD C . 10.83 11.45 14.01
C8A NAD C . 10.90 10.07 14.13
N7A NAD C . 9.86 9.56 14.75
C5A NAD C . 9.04 10.66 15.04
C6A NAD C . 7.79 10.77 15.67
N6A NAD C . 7.13 9.74 16.21
N1A NAD C . 7.23 12.01 15.77
C2A NAD C . 7.91 13.05 15.27
N3A NAD C . 9.10 13.06 14.67
C4A NAD C . 9.62 11.82 14.58
O3 NAD C . 14.77 11.73 7.59
PN NAD C . 14.90 12.59 6.25
O1N NAD C . 16.09 12.09 5.51
O2N NAD C . 14.79 14.04 6.59
O5D NAD C . 13.57 12.21 5.46
C5D NAD C . 12.34 12.90 5.81
C4D NAD C . 11.29 12.31 4.91
O4D NAD C . 11.80 12.30 3.53
C3D NAD C . 10.88 10.87 5.23
O3D NAD C . 9.47 10.71 5.08
C2D NAD C . 11.65 10.10 4.17
O2D NAD C . 11.16 8.81 3.83
C1D NAD C . 11.56 11.01 2.94
N1N NAD C . 12.66 10.71 1.98
C2N NAD C . 13.97 11.10 2.26
C3N NAD C . 14.99 10.75 1.37
C7N NAD C . 16.44 11.08 1.61
O7N NAD C . 17.25 10.77 0.75
N7N NAD C . 16.79 11.72 2.73
C4N NAD C . 14.68 10.09 0.17
C5N NAD C . 13.36 9.80 -0.12
C6N NAD C . 12.38 10.11 0.80
C ACT D . 15.30 6.78 -0.03
O ACT D . 16.22 6.55 0.79
OXT ACT D . 14.09 6.81 0.27
CH3 ACT D . 15.66 7.03 -1.49
K K E . 19.01 0.53 -9.61
C1 GOL F . -8.64 18.44 -3.43
O1 GOL F . -9.45 17.62 -2.60
C2 GOL F . -9.15 19.87 -3.41
O2 GOL F . -9.22 20.38 -4.74
C3 GOL F . -8.36 20.79 -2.52
O3 GOL F . -7.03 20.96 -3.00
PA NAD G . -18.40 -10.47 5.59
O1A NAD G . -19.52 -11.30 5.11
O2A NAD G . -18.64 -9.02 5.82
O5B NAD G . -17.79 -11.12 6.88
C5B NAD G . -16.80 -10.42 7.63
C4B NAD G . -16.86 -11.01 9.01
O4B NAD G . -15.77 -10.43 9.77
C3B NAD G . -18.15 -10.75 9.82
O3B NAD G . -18.64 -12.01 10.31
C2B NAD G . -17.69 -9.81 10.96
O2B NAD G . -18.39 -9.93 12.21
C1B NAD G . -16.23 -10.22 11.08
N9A NAD G . -15.38 -9.25 11.79
C8A NAD G . -15.37 -7.87 11.64
N7A NAD G . -14.53 -7.29 12.47
C5A NAD G . -13.93 -8.34 13.17
C6A NAD G . -12.95 -8.36 14.19
N6A NAD G . -12.40 -7.27 14.74
N1A NAD G . -12.56 -9.58 14.65
C2A NAD G . -13.12 -10.68 14.13
N3A NAD G . -14.08 -10.78 13.19
C4A NAD G . -14.44 -9.55 12.74
O3 NAD G . -17.15 -10.50 4.57
PN NAD G . -16.90 -11.68 3.50
O1N NAD G . -17.69 -11.34 2.26
O2N NAD G . -17.06 -12.98 4.17
O5D NAD G . -15.36 -11.36 3.19
C5D NAD G . -14.28 -12.06 3.86
C4D NAD G . -12.98 -11.54 3.27
O4D NAD G . -12.96 -11.83 1.84
C3D NAD G . -12.72 -10.04 3.41
O3D NAD G . -11.32 -9.84 3.59
C2D NAD G . -13.12 -9.47 2.05
O2D NAD G . -12.41 -8.27 1.76
C1D NAD G . -12.68 -10.62 1.12
N1N NAD G . -13.44 -10.58 -0.14
C2N NAD G . -14.80 -10.91 -0.18
C3N NAD G . -15.50 -10.81 -1.40
C7N NAD G . -16.96 -11.17 -1.54
O7N NAD G . -17.47 -11.04 -2.63
N7N NAD G . -17.60 -11.68 -0.49
C4N NAD G . -14.83 -10.33 -2.56
C5N NAD G . -13.49 -10.00 -2.50
C6N NAD G . -12.79 -10.19 -1.31
C ACT H . -15.36 -6.96 -3.32
O ACT H . -14.25 -6.97 -2.76
OXT ACT H . -16.36 -6.46 -2.80
CH3 ACT H . -15.46 -7.55 -4.78
K K I . -15.92 -2.85 -14.66
C1 BTB J . -23.53 -21.84 -2.84
O1 BTB J . -24.79 -21.21 -3.03
C2 BTB J . -23.55 -22.74 -1.60
C3 BTB J . -22.07 -22.90 -1.16
O3 BTB J . -21.24 -23.28 -2.26
C4 BTB J . -24.40 -22.10 -0.48
O4 BTB J . -23.98 -20.79 -0.13
N BTB J . -24.15 -24.14 -1.83
C5 BTB J . -23.78 -24.75 -3.16
C6 BTB J . -24.75 -25.82 -3.64
O6 BTB J . -26.09 -25.34 -3.59
C7 BTB J . -23.88 -25.12 -0.69
C8 BTB J . -24.89 -25.40 0.43
O8 BTB J . -26.16 -24.77 0.30
C1 GOL K . 8.68 -17.99 2.31
O1 GOL K . 9.03 -17.22 3.46
C2 GOL K . 8.30 -19.38 2.70
O2 GOL K . 9.20 -20.31 2.09
C3 GOL K . 6.87 -19.72 2.34
O3 GOL K . 6.41 -20.89 3.00
#